data_4XBM
#
_entry.id   4XBM
#
_cell.length_a   108.150
_cell.length_b   118.870
_cell.length_c   134.810
_cell.angle_alpha   90.00
_cell.angle_beta   90.00
_cell.angle_gamma   90.00
#
_symmetry.space_group_name_H-M   'P 21 21 21'
#
loop_
_entity.id
_entity.type
_entity.pdbx_description
1 polymer 'Delta-like protein 1'
2 non-polymer alpha-L-fucopyranose
#
_entity_poly.entity_id   1
_entity_poly.type   'polypeptide(L)'
_entity_poly.pdbx_seq_one_letter_code
;SSGVFELKLQEFVNKKGLLGNRNCCRGGAGPPPCACRTFFRVCLKHYQASVSPEPPCTYGSAVTPVLGVDSFSLPDGGGA
DSAFSNPIRFPFGFTWPGTFSLIIEALHTDSPDDLATENPERLISRLATQRHLTVGEEWSQDLHSSGRTDLKYSYRFVCD
EHYYGEGCSVFCRPRDDAFGHFTCGERGEKVCNPGWKGPYCTEPICLPGCDEQHGFCDKPGECKCRVGWQGRYCDECIRY
PGCLHGTCQQPWQCNCQEGWGGLFCNQDLNYCTHHKPCKNGATCTNTGQGSYTCSCRPGYTGATCELGIDECDPSPCKNG
GSCTDLENSYSCTCPPGFYGKICELSAMTCADGPCFNGGRCSDSPDGGYSCRCPVGYSGFNCEKKIDYCSSSPCSNGAKC
VDLGDAYLCRCQAGFSGRHCDDNVDDCASSPCANGGTCRDGVNDFSCTCPPGYTGRNCSAPVSRCEHAPCHNGATCHQRG
HGYVCECARSYGGPNCQFLLPELPPGPAVVDLTEKLEGQGGPFPWENLYFQ
;
_entity_poly.pdbx_strand_id   A,B
#
loop_
_chem_comp.id
_chem_comp.type
_chem_comp.name
_chem_comp.formula
FUC L-saccharide, alpha linking alpha-L-fucopyranose 'C6 H12 O5'
#
# COMPACT_ATOMS: atom_id res chain seq x y z
N SER A 2 5.34 -10.17 25.22
CA SER A 2 5.11 -11.46 25.86
C SER A 2 6.35 -12.33 25.83
N GLY A 3 6.62 -12.94 24.68
CA GLY A 3 7.77 -13.81 24.54
C GLY A 3 8.37 -13.83 23.15
N VAL A 4 9.42 -14.64 22.97
CA VAL A 4 10.08 -14.79 21.67
C VAL A 4 10.51 -16.24 21.46
N PHE A 5 10.11 -16.79 20.31
CA PHE A 5 10.52 -18.13 19.93
C PHE A 5 11.83 -18.09 19.16
N GLU A 6 12.90 -18.60 19.77
CA GLU A 6 14.21 -18.58 19.14
C GLU A 6 14.55 -19.92 18.51
N LEU A 7 14.90 -19.90 17.22
CA LEU A 7 15.29 -21.11 16.50
C LEU A 7 16.63 -20.93 15.80
N LYS A 8 17.64 -21.68 16.23
CA LYS A 8 18.94 -21.61 15.59
C LYS A 8 19.26 -22.89 14.83
N LEU A 9 19.86 -22.70 13.66
CA LEU A 9 20.15 -23.75 12.71
C LEU A 9 21.59 -24.25 12.75
N GLN A 10 21.70 -25.57 12.82
CA GLN A 10 22.97 -26.29 12.83
C GLN A 10 22.91 -27.41 11.76
N GLU A 11 24.08 -27.94 11.42
CA GLU A 11 24.28 -29.08 10.50
C GLU A 11 23.07 -29.69 9.74
N PHE A 12 23.21 -29.75 8.43
CA PHE A 12 22.12 -29.90 7.49
C PHE A 12 22.40 -31.07 6.55
N VAL A 13 23.71 -31.28 6.25
CA VAL A 13 24.25 -32.46 5.57
C VAL A 13 23.36 -32.94 4.46
N ASN A 14 23.45 -32.26 3.32
CA ASN A 14 22.74 -32.69 2.13
C ASN A 14 23.34 -33.99 1.63
N LYS A 15 22.69 -35.10 1.95
CA LYS A 15 23.18 -36.41 1.54
C LYS A 15 22.98 -36.59 0.04
N LYS A 16 23.95 -36.10 -0.72
CA LYS A 16 23.91 -36.20 -2.17
C LYS A 16 25.19 -36.85 -2.68
N GLY A 17 25.05 -38.04 -3.26
CA GLY A 17 26.19 -38.73 -3.81
C GLY A 17 26.56 -38.18 -5.17
N LEU A 18 27.12 -39.02 -6.02
CA LEU A 18 27.37 -38.64 -7.40
C LEU A 18 26.05 -38.72 -8.16
N LEU A 19 25.04 -39.28 -7.52
CA LEU A 19 23.68 -39.30 -8.03
C LEU A 19 23.16 -37.88 -8.22
N GLY A 20 22.26 -37.69 -9.16
CA GLY A 20 21.82 -36.36 -9.54
C GLY A 20 20.69 -35.78 -8.72
N ASN A 21 20.99 -34.71 -7.98
CA ASN A 21 19.96 -33.86 -7.42
C ASN A 21 19.70 -32.71 -8.39
N ARG A 22 18.87 -32.99 -9.38
CA ARG A 22 18.71 -32.11 -10.54
C ARG A 22 17.92 -30.84 -10.27
N ASN A 23 17.58 -30.60 -9.00
CA ASN A 23 17.05 -29.31 -8.61
C ASN A 23 18.13 -28.26 -8.82
N CYS A 24 19.33 -28.59 -8.37
CA CYS A 24 20.52 -27.82 -8.67
C CYS A 24 20.93 -28.12 -10.11
N CYS A 25 21.90 -27.37 -10.63
CA CYS A 25 22.26 -27.45 -12.05
C CYS A 25 21.05 -27.17 -12.94
N ARG A 26 20.66 -25.91 -13.01
CA ARG A 26 19.53 -25.51 -13.85
C ARG A 26 19.82 -25.75 -15.32
N GLY A 27 21.01 -25.36 -15.75
CA GLY A 27 21.43 -25.54 -17.12
C GLY A 27 22.34 -26.73 -17.30
N PRO A 32 26.01 -34.18 -13.69
CA PRO A 32 27.20 -33.43 -13.27
C PRO A 32 26.99 -32.78 -11.90
N PRO A 33 27.74 -33.23 -10.88
CA PRO A 33 27.65 -32.69 -9.52
C PRO A 33 27.89 -31.18 -9.46
N CYS A 34 27.01 -30.46 -8.75
CA CYS A 34 27.07 -29.01 -8.68
C CYS A 34 26.75 -28.49 -7.27
N ALA A 35 27.07 -27.23 -7.03
CA ALA A 35 26.78 -26.60 -5.75
C ALA A 35 25.31 -26.25 -5.64
N CYS A 36 24.68 -26.67 -4.54
CA CYS A 36 23.27 -26.37 -4.32
C CYS A 36 23.12 -25.24 -3.32
N ARG A 37 22.90 -24.04 -3.83
CA ARG A 37 22.71 -22.85 -2.99
C ARG A 37 21.48 -23.03 -2.10
N THR A 38 21.73 -23.32 -0.82
CA THR A 38 20.69 -23.71 0.12
C THR A 38 20.29 -22.59 1.08
N PHE A 39 18.99 -22.27 1.03
CA PHE A 39 18.33 -21.35 1.96
C PHE A 39 17.12 -22.05 2.56
N PHE A 40 16.55 -21.50 3.63
CA PHE A 40 15.48 -22.19 4.34
C PHE A 40 14.19 -21.37 4.47
N ARG A 41 13.08 -22.08 4.62
CA ARG A 41 11.78 -21.46 4.91
C ARG A 41 11.14 -22.11 6.12
N VAL A 42 10.80 -21.31 7.12
CA VAL A 42 10.25 -21.84 8.37
C VAL A 42 8.86 -21.32 8.69
N CYS A 43 7.94 -22.24 8.97
CA CYS A 43 6.59 -21.91 9.36
C CYS A 43 6.22 -22.47 10.72
N LEU A 44 5.79 -21.58 11.61
CA LEU A 44 5.21 -21.92 12.89
C LEU A 44 3.71 -21.82 12.81
N LYS A 45 3.04 -22.95 13.01
CA LYS A 45 1.58 -23.00 13.02
C LYS A 45 1.08 -23.54 14.35
N HIS A 46 -0.23 -23.44 14.56
CA HIS A 46 -0.86 -24.04 15.73
C HIS A 46 -0.75 -25.56 15.68
N TYR A 47 -1.13 -26.21 16.78
CA TYR A 47 -1.07 -27.68 16.81
C TYR A 47 -2.03 -28.28 15.80
N GLN A 48 -1.51 -29.22 15.03
CA GLN A 48 -2.33 -29.95 14.06
C GLN A 48 -2.17 -31.45 14.24
N ALA A 49 -3.28 -32.17 14.24
CA ALA A 49 -3.25 -33.63 14.36
C ALA A 49 -2.44 -34.21 13.21
N SER A 50 -2.64 -33.68 12.01
CA SER A 50 -1.84 -34.00 10.85
C SER A 50 -1.29 -32.71 10.25
N VAL A 51 0.02 -32.48 10.43
CA VAL A 51 0.65 -31.23 10.01
C VAL A 51 0.60 -31.03 8.50
N SER A 52 -0.02 -29.93 8.07
CA SER A 52 -0.11 -29.61 6.65
C SER A 52 0.94 -28.58 6.26
N PRO A 53 1.79 -28.93 5.28
CA PRO A 53 2.85 -28.04 4.77
C PRO A 53 2.29 -26.77 4.14
N GLU A 54 1.03 -26.81 3.70
CA GLU A 54 0.36 -25.67 3.10
C GLU A 54 0.47 -24.45 4.03
N PRO A 55 0.66 -23.26 3.44
CA PRO A 55 1.03 -22.08 4.25
C PRO A 55 -0.07 -21.05 4.59
N PRO A 56 -1.08 -21.43 5.38
CA PRO A 56 -1.73 -20.34 6.12
C PRO A 56 -1.16 -20.27 7.54
N CYS A 57 0.16 -20.09 7.62
CA CYS A 57 0.89 -20.20 8.88
C CYS A 57 0.48 -19.13 9.89
N THR A 58 -0.07 -19.57 11.02
CA THR A 58 -0.69 -18.69 12.00
C THR A 58 0.30 -18.04 12.96
N TYR A 59 1.19 -18.83 13.54
CA TYR A 59 2.16 -18.30 14.49
C TYR A 59 3.29 -17.60 13.74
N GLY A 60 3.32 -17.77 12.42
CA GLY A 60 4.16 -16.92 11.59
C GLY A 60 5.19 -17.65 10.74
N SER A 61 5.66 -16.99 9.68
CA SER A 61 6.62 -17.60 8.76
C SER A 61 7.94 -16.84 8.73
N ALA A 62 8.86 -17.32 7.89
CA ALA A 62 10.17 -16.70 7.74
C ALA A 62 10.92 -17.32 6.56
N VAL A 63 11.61 -16.48 5.79
CA VAL A 63 12.45 -16.97 4.72
C VAL A 63 13.87 -16.42 4.89
N THR A 64 14.85 -17.30 4.85
CA THR A 64 16.23 -16.92 5.11
C THR A 64 17.02 -16.76 3.82
N PRO A 65 18.11 -15.97 3.86
CA PRO A 65 19.02 -15.92 2.71
C PRO A 65 19.76 -17.24 2.56
N VAL A 66 20.51 -17.40 1.47
CA VAL A 66 21.27 -18.62 1.26
C VAL A 66 22.28 -18.82 2.38
N LEU A 67 22.03 -19.82 3.21
CA LEU A 67 22.87 -20.08 4.36
C LEU A 67 24.06 -20.96 4.01
N GLY A 68 23.96 -21.73 2.93
CA GLY A 68 25.15 -22.50 2.56
C GLY A 68 25.08 -23.41 1.35
N VAL A 69 26.23 -23.91 0.92
CA VAL A 69 26.28 -24.80 -0.23
C VAL A 69 26.40 -26.27 0.18
N ASP A 70 25.60 -27.10 -0.45
CA ASP A 70 25.55 -28.54 -0.16
C ASP A 70 25.32 -28.80 1.33
N SER A 71 26.32 -29.41 1.96
CA SER A 71 26.28 -29.70 3.38
C SER A 71 27.17 -28.73 4.13
N PHE A 72 26.69 -28.22 5.26
CA PHE A 72 27.44 -27.23 6.02
C PHE A 72 27.01 -27.16 7.49
N SER A 73 27.76 -26.37 8.27
CA SER A 73 27.46 -26.16 9.67
C SER A 73 27.60 -24.69 10.03
N LEU A 74 27.01 -24.27 11.14
CA LEU A 74 27.03 -22.87 11.55
C LEU A 74 27.58 -22.72 12.98
N PRO A 75 28.14 -21.54 13.30
CA PRO A 75 28.66 -21.18 14.62
C PRO A 75 27.84 -21.70 15.80
N ASN A 86 23.13 -14.80 16.00
CA ASN A 86 23.10 -16.10 15.33
C ASN A 86 21.70 -16.68 15.14
N PRO A 87 20.88 -16.77 16.20
CA PRO A 87 19.61 -17.49 16.01
C PRO A 87 18.53 -16.65 15.33
N ILE A 88 17.42 -17.30 15.00
CA ILE A 88 16.27 -16.65 14.40
C ILE A 88 15.24 -16.28 15.47
N ARG A 89 14.77 -15.05 15.44
CA ARG A 89 13.87 -14.55 16.47
C ARG A 89 12.44 -14.38 15.96
N PHE A 90 11.52 -15.16 16.51
CA PHE A 90 10.10 -15.02 16.22
C PHE A 90 9.38 -14.31 17.36
N PRO A 91 9.06 -13.02 17.18
CA PRO A 91 8.32 -12.31 18.23
C PRO A 91 6.93 -12.92 18.44
N PHE A 92 6.61 -13.23 19.69
CA PHE A 92 5.34 -13.83 20.06
C PHE A 92 4.61 -12.93 21.05
N GLY A 93 3.52 -12.33 20.61
CA GLY A 93 2.86 -11.27 21.35
C GLY A 93 1.68 -11.68 22.23
N PHE A 94 1.53 -12.98 22.47
CA PHE A 94 0.51 -13.44 23.40
C PHE A 94 0.93 -14.75 24.07
N THR A 95 0.00 -15.35 24.82
CA THR A 95 0.30 -16.54 25.61
C THR A 95 0.83 -17.69 24.77
N TRP A 96 2.02 -18.19 25.11
CA TRP A 96 2.61 -19.32 24.42
C TRP A 96 1.84 -20.60 24.75
N PRO A 97 1.24 -21.22 23.72
CA PRO A 97 0.42 -22.42 23.90
C PRO A 97 1.22 -23.62 24.42
N GLY A 98 2.51 -23.63 24.13
CA GLY A 98 3.36 -24.75 24.52
C GLY A 98 3.34 -25.84 23.47
N THR A 99 2.22 -25.97 22.77
CA THR A 99 2.08 -26.99 21.73
C THR A 99 1.93 -26.33 20.37
N PHE A 100 2.81 -26.68 19.45
CA PHE A 100 2.79 -26.05 18.13
C PHE A 100 3.21 -27.03 17.04
N SER A 101 2.99 -26.64 15.79
CA SER A 101 3.47 -27.44 14.66
C SER A 101 4.56 -26.68 13.91
N LEU A 102 5.71 -27.33 13.79
CA LEU A 102 6.88 -26.74 13.14
C LEU A 102 7.09 -27.33 11.76
N ILE A 103 7.30 -26.45 10.78
CA ILE A 103 7.56 -26.87 9.40
C ILE A 103 8.77 -26.15 8.84
N ILE A 104 9.86 -26.86 8.60
CA ILE A 104 11.02 -26.19 8.02
C ILE A 104 11.50 -26.89 6.74
N GLU A 105 11.54 -26.12 5.66
CA GLU A 105 11.91 -26.64 4.36
C GLU A 105 13.27 -26.11 3.93
N ALA A 106 14.11 -27.01 3.45
CA ALA A 106 15.38 -26.63 2.85
C ALA A 106 15.21 -26.53 1.34
N LEU A 107 15.72 -25.45 0.76
CA LEU A 107 15.53 -25.18 -0.66
C LEU A 107 16.77 -24.72 -1.42
N HIS A 108 16.90 -25.23 -2.65
CA HIS A 108 17.85 -24.75 -3.63
C HIS A 108 17.22 -23.68 -4.50
N THR A 109 18.02 -22.67 -4.83
CA THR A 109 17.72 -21.62 -5.79
C THR A 109 19.00 -21.35 -6.58
N ASP A 110 18.91 -20.47 -7.58
CA ASP A 110 20.07 -20.10 -8.38
C ASP A 110 20.47 -18.63 -8.22
N SER A 111 19.64 -17.87 -7.50
CA SER A 111 19.76 -16.42 -7.44
C SER A 111 20.05 -16.04 -5.98
N PRO A 112 20.19 -14.72 -5.64
CA PRO A 112 20.77 -14.39 -4.32
C PRO A 112 20.18 -15.13 -3.12
N ASP A 114 15.18 -15.65 -7.46
CA ASP A 114 15.64 -15.18 -6.15
C ASP A 114 15.20 -16.13 -5.04
N LEU A 115 14.92 -15.57 -3.87
CA LEU A 115 14.41 -16.34 -2.75
C LEU A 115 12.91 -16.57 -2.89
N ALA A 116 12.23 -16.73 -1.76
CA ALA A 116 10.79 -16.97 -1.71
C ALA A 116 10.38 -18.17 -2.56
N THR A 117 10.21 -19.31 -1.89
CA THR A 117 9.89 -20.60 -2.53
C THR A 117 8.87 -20.49 -3.66
N PRO A 120 7.92 -24.15 -6.21
CA PRO A 120 7.64 -25.31 -7.05
C PRO A 120 8.29 -26.56 -6.49
N GLU A 121 9.57 -26.72 -6.79
CA GLU A 121 10.35 -27.79 -6.23
C GLU A 121 11.72 -27.23 -5.97
N ARG A 122 12.09 -26.22 -6.74
CA ARG A 122 13.48 -25.78 -6.65
C ARG A 122 14.18 -26.47 -5.49
N LEU A 123 13.92 -26.01 -4.26
CA LEU A 123 13.78 -26.88 -3.06
C LEU A 123 14.93 -27.86 -2.73
N ILE A 124 14.79 -28.61 -1.63
CA ILE A 124 15.66 -29.74 -1.29
C ILE A 124 14.90 -30.77 -0.47
N SER A 125 14.34 -30.36 0.67
CA SER A 125 13.62 -31.29 1.56
C SER A 125 12.64 -30.59 2.51
N ARG A 126 11.78 -31.38 3.17
CA ARG A 126 10.78 -30.82 4.08
C ARG A 126 10.73 -31.52 5.43
N LEU A 127 10.65 -30.72 6.49
CA LEU A 127 10.46 -31.21 7.85
C LEU A 127 9.10 -30.72 8.35
N ALA A 128 8.32 -31.61 8.94
CA ALA A 128 7.02 -31.26 9.49
C ALA A 128 6.73 -32.09 10.72
N THR A 129 6.53 -31.44 11.86
CA THR A 129 6.29 -32.19 13.09
C THR A 129 5.51 -31.41 14.14
N GLN A 130 4.89 -32.14 15.06
CA GLN A 130 4.23 -31.54 16.21
C GLN A 130 5.19 -31.54 17.39
N ARG A 131 5.18 -30.47 18.17
CA ARG A 131 6.10 -30.32 19.29
C ARG A 131 5.46 -29.68 20.52
N HIS A 132 5.89 -30.13 21.69
CA HIS A 132 5.53 -29.50 22.96
C HIS A 132 6.77 -28.83 23.54
N LEU A 133 6.68 -27.52 23.74
CA LEU A 133 7.84 -26.76 24.22
C LEU A 133 7.51 -25.93 25.45
N THR A 134 8.18 -26.24 26.56
CA THR A 134 8.06 -25.44 27.76
C THR A 134 8.97 -24.22 27.63
N VAL A 135 8.57 -23.12 28.23
CA VAL A 135 9.37 -21.90 28.19
C VAL A 135 10.65 -22.06 29.00
N GLY A 136 11.48 -21.02 29.00
CA GLY A 136 12.75 -21.06 29.68
C GLY A 136 13.90 -20.85 28.73
N GLU A 137 15.09 -20.67 29.27
CA GLU A 137 16.27 -20.35 28.48
C GLU A 137 17.01 -21.60 28.02
N GLU A 138 16.65 -22.76 28.57
CA GLU A 138 17.31 -24.01 28.18
C GLU A 138 16.97 -24.38 26.75
N TRP A 139 18.01 -24.51 25.92
CA TRP A 139 17.83 -24.84 24.52
C TRP A 139 17.39 -26.28 24.31
N SER A 140 16.35 -26.47 23.52
CA SER A 140 15.90 -27.80 23.15
C SER A 140 16.65 -28.27 21.90
N GLN A 141 17.32 -29.41 22.02
CA GLN A 141 18.13 -29.95 20.94
C GLN A 141 17.36 -31.00 20.14
N ASP A 142 17.51 -30.98 18.82
CA ASP A 142 16.87 -31.98 17.97
C ASP A 142 17.65 -32.24 16.68
N LEU A 143 17.41 -33.41 16.09
CA LEU A 143 18.08 -33.82 14.86
C LEU A 143 17.10 -34.52 13.93
N HIS A 144 16.83 -33.91 12.78
CA HIS A 144 16.00 -34.54 11.76
C HIS A 144 16.90 -35.21 10.74
N SER A 145 17.15 -36.50 10.94
CA SER A 145 18.02 -37.25 10.05
C SER A 145 17.21 -38.30 9.30
N SER A 146 16.95 -38.06 8.02
CA SER A 146 16.17 -39.02 7.26
C SER A 146 16.33 -38.90 5.75
N GLY A 147 16.15 -40.02 5.08
CA GLY A 147 16.16 -40.08 3.63
C GLY A 147 17.41 -39.48 3.00
N ARG A 148 17.28 -38.22 2.58
CA ARG A 148 18.34 -37.58 1.83
C ARG A 148 18.90 -36.34 2.54
N THR A 149 18.50 -36.12 3.79
CA THR A 149 18.90 -34.91 4.53
C THR A 149 19.14 -35.12 6.03
N ASP A 150 19.87 -34.19 6.63
CA ASP A 150 20.32 -34.30 8.02
C ASP A 150 20.46 -32.95 8.73
N LEU A 151 19.33 -32.47 9.19
CA LEU A 151 19.24 -31.15 9.81
C LEU A 151 19.45 -31.19 11.33
N LYS A 152 20.30 -30.32 11.87
CA LYS A 152 20.50 -30.30 13.31
C LYS A 152 19.98 -28.97 13.81
N TYR A 153 19.18 -28.93 14.85
CA TYR A 153 18.67 -27.62 15.24
C TYR A 153 18.29 -27.50 16.70
N SER A 154 18.34 -26.27 17.18
CA SER A 154 18.00 -25.99 18.57
C SER A 154 16.94 -24.90 18.64
N TYR A 155 15.99 -25.05 19.55
CA TYR A 155 14.94 -24.04 19.68
C TYR A 155 14.47 -23.88 21.12
N ARG A 156 13.94 -22.70 21.43
CA ARG A 156 13.45 -22.42 22.77
C ARG A 156 12.45 -21.27 22.73
N PHE A 157 11.85 -20.99 23.88
CA PHE A 157 10.97 -19.84 24.00
C PHE A 157 11.34 -19.01 25.23
N VAL A 158 11.69 -17.75 25.02
CA VAL A 158 12.14 -16.91 26.11
C VAL A 158 11.17 -15.77 26.37
N CYS A 159 10.72 -15.66 27.61
CA CYS A 159 9.85 -14.57 28.00
C CYS A 159 10.55 -13.23 27.83
N ASP A 160 9.79 -12.21 27.41
CA ASP A 160 10.28 -10.85 27.40
C ASP A 160 10.48 -10.40 28.85
N GLU A 161 11.22 -9.32 29.07
CA GLU A 161 11.47 -8.85 30.43
C GLU A 161 10.16 -8.42 31.08
N HIS A 162 10.11 -8.55 32.40
CA HIS A 162 8.93 -8.28 33.21
C HIS A 162 7.78 -9.25 32.94
N TYR A 163 8.00 -10.19 32.04
CA TYR A 163 7.00 -11.24 31.77
C TYR A 163 7.49 -12.58 32.31
N TYR A 164 6.60 -13.27 33.04
CA TYR A 164 6.94 -14.55 33.64
C TYR A 164 5.80 -15.54 33.44
N GLY A 165 5.99 -16.76 33.94
CA GLY A 165 4.95 -17.77 33.87
C GLY A 165 5.22 -18.81 32.81
N GLU A 166 4.42 -19.88 32.82
CA GLU A 166 4.61 -20.98 31.88
C GLU A 166 4.24 -20.61 30.45
N GLY A 167 3.50 -19.51 30.30
CA GLY A 167 3.11 -19.04 28.99
C GLY A 167 3.64 -17.65 28.69
N CYS A 168 4.52 -17.15 29.55
CA CYS A 168 5.06 -15.80 29.44
C CYS A 168 3.95 -14.76 29.38
N SER A 169 2.83 -15.04 30.06
CA SER A 169 1.65 -14.20 29.96
C SER A 169 1.43 -13.37 31.22
N VAL A 170 2.25 -13.59 32.23
CA VAL A 170 2.13 -12.87 33.50
C VAL A 170 3.08 -11.68 33.56
N PHE A 171 2.52 -10.48 33.50
CA PHE A 171 3.32 -9.26 33.60
C PHE A 171 3.52 -8.88 35.07
N CYS A 172 4.75 -8.51 35.41
CA CYS A 172 5.06 -8.08 36.76
C CYS A 172 6.23 -7.11 36.78
N ARG A 173 6.07 -6.04 37.53
CA ARG A 173 7.16 -5.12 37.80
C ARG A 173 7.17 -4.77 39.29
N PRO A 174 8.34 -4.89 39.93
CA PRO A 174 8.47 -4.56 41.36
C PRO A 174 7.98 -3.16 41.66
N ARG A 175 7.08 -3.03 42.64
CA ARG A 175 6.44 -1.75 42.90
C ARG A 175 6.19 -1.50 44.38
N ASP A 176 6.76 -0.42 44.90
CA ASP A 176 6.48 -0.02 46.28
C ASP A 176 5.98 1.43 46.31
N ASP A 177 4.67 1.59 46.16
CA ASP A 177 4.05 2.91 46.26
C ASP A 177 2.56 2.78 46.57
N ALA A 178 1.84 3.89 46.45
CA ALA A 178 0.45 3.99 46.86
C ALA A 178 -0.44 2.86 46.36
N PHE A 179 -0.24 2.47 45.10
CA PHE A 179 -1.06 1.43 44.49
C PHE A 179 -0.76 0.04 45.04
N GLY A 180 0.50 -0.23 45.34
CA GLY A 180 0.87 -1.54 45.84
C GLY A 180 2.30 -1.69 46.33
N HIS A 181 2.55 -2.74 47.09
CA HIS A 181 3.88 -3.00 47.64
C HIS A 181 4.26 -4.47 47.46
N PHE A 182 5.06 -4.75 46.44
CA PHE A 182 5.44 -6.13 46.14
C PHE A 182 6.67 -6.24 45.23
N THR A 183 7.32 -7.40 45.31
CA THR A 183 8.36 -7.77 44.35
C THR A 183 7.81 -8.86 43.44
N CYS A 184 8.55 -9.19 42.38
CA CYS A 184 8.07 -10.21 41.43
C CYS A 184 8.59 -11.60 41.80
N GLY A 185 7.67 -12.55 41.84
CA GLY A 185 8.03 -13.92 42.18
C GLY A 185 8.65 -14.67 41.02
N GLU A 186 8.90 -15.97 41.22
CA GLU A 186 9.53 -16.80 40.21
C GLU A 186 8.64 -16.96 38.97
N ARG A 187 7.37 -17.28 39.20
CA ARG A 187 6.43 -17.47 38.10
C ARG A 187 5.66 -16.18 37.80
N GLY A 188 6.09 -15.08 38.41
CA GLY A 188 5.52 -13.78 38.14
C GLY A 188 4.45 -13.33 39.13
N GLU A 189 4.19 -14.16 40.13
CA GLU A 189 3.18 -13.84 41.14
C GLU A 189 3.67 -12.68 42.00
N LYS A 190 2.74 -11.87 42.49
CA LYS A 190 3.09 -10.75 43.35
C LYS A 190 3.49 -11.20 44.74
N VAL A 191 4.75 -10.98 45.09
CA VAL A 191 5.23 -11.31 46.43
C VAL A 191 5.19 -10.07 47.32
N CYS A 192 4.19 -10.01 48.19
CA CYS A 192 3.97 -8.86 49.04
C CYS A 192 5.18 -8.58 49.93
N ASN A 193 5.59 -7.32 49.98
CA ASN A 193 6.64 -6.88 50.88
C ASN A 193 6.21 -7.09 52.33
N PRO A 194 7.18 -7.28 53.24
CA PRO A 194 6.87 -7.53 54.65
C PRO A 194 5.98 -6.44 55.26
N GLY A 195 4.84 -6.86 55.81
CA GLY A 195 3.90 -5.93 56.40
C GLY A 195 2.66 -5.75 55.55
N TRP A 196 2.69 -6.29 54.34
CA TRP A 196 1.58 -6.11 53.41
C TRP A 196 0.97 -7.44 52.96
N LYS A 197 -0.33 -7.40 52.67
CA LYS A 197 -1.05 -8.60 52.24
C LYS A 197 -2.14 -8.24 51.24
N GLY A 198 -2.91 -9.23 50.83
CA GLY A 198 -4.00 -9.01 49.89
C GLY A 198 -3.64 -9.43 48.48
N PRO A 199 -4.63 -9.46 47.58
CA PRO A 199 -4.42 -9.83 46.18
C PRO A 199 -3.44 -8.92 45.46
N TYR A 200 -3.57 -7.61 45.67
CA TYR A 200 -2.69 -6.64 45.03
C TYR A 200 -1.65 -6.10 46.01
N CYS A 201 -1.51 -6.75 47.15
CA CYS A 201 -0.59 -6.34 48.21
C CYS A 201 -0.85 -4.89 48.64
N THR A 202 -2.13 -4.55 48.78
CA THR A 202 -2.52 -3.20 49.16
C THR A 202 -2.91 -3.14 50.64
N GLU A 203 -3.17 -4.29 51.22
CA GLU A 203 -3.65 -4.37 52.60
C GLU A 203 -2.49 -4.48 53.58
N PRO A 204 -2.44 -3.56 54.56
CA PRO A 204 -1.42 -3.61 55.61
C PRO A 204 -1.71 -4.71 56.62
N ILE A 205 -0.68 -5.44 57.03
CA ILE A 205 -0.84 -6.48 58.03
C ILE A 205 -0.95 -5.87 59.42
N CYS A 206 -2.03 -6.19 60.11
CA CYS A 206 -2.27 -5.71 61.46
C CYS A 206 -1.29 -6.31 62.46
N LEU A 207 -1.05 -5.59 63.55
CA LEU A 207 -0.20 -6.07 64.63
C LEU A 207 -0.71 -7.40 65.18
N PRO A 208 0.15 -8.42 65.22
CA PRO A 208 -0.23 -9.77 65.68
C PRO A 208 -0.92 -9.76 67.04
N GLY A 209 -2.19 -10.13 67.05
CA GLY A 209 -2.98 -10.12 68.27
C GLY A 209 -4.09 -9.08 68.25
N CYS A 210 -4.05 -8.22 67.25
CA CYS A 210 -5.06 -7.16 67.09
C CYS A 210 -6.44 -7.79 66.91
N ASP A 211 -7.45 -7.18 67.53
CA ASP A 211 -8.81 -7.69 67.45
C ASP A 211 -9.38 -7.51 66.06
N GLU A 212 -10.04 -8.55 65.55
CA GLU A 212 -10.61 -8.55 64.21
C GLU A 212 -11.74 -7.54 64.07
N GLN A 213 -12.68 -7.58 65.03
CA GLN A 213 -13.87 -6.73 64.99
C GLN A 213 -13.57 -5.30 65.39
N HIS A 214 -12.88 -5.12 66.51
CA HIS A 214 -12.73 -3.79 67.12
C HIS A 214 -11.38 -3.15 66.81
N GLY A 215 -10.74 -3.59 65.74
CA GLY A 215 -9.45 -3.04 65.35
C GLY A 215 -9.26 -2.94 63.85
N PHE A 216 -8.56 -1.90 63.42
CA PHE A 216 -8.24 -1.71 62.01
C PHE A 216 -6.83 -1.16 61.85
N CYS A 217 -6.30 -1.22 60.63
CA CYS A 217 -4.91 -0.84 60.38
C CYS A 217 -4.75 -0.01 59.12
N ASP A 218 -4.20 1.20 59.28
CA ASP A 218 -3.98 2.10 58.14
C ASP A 218 -2.55 2.04 57.64
N LYS A 219 -1.68 1.39 58.42
CA LYS A 219 -0.28 1.23 58.03
C LYS A 219 0.24 -0.07 58.63
N PRO A 220 1.28 -0.66 58.01
CA PRO A 220 1.68 -2.03 58.33
C PRO A 220 2.46 -2.22 59.64
N GLY A 221 1.95 -1.70 60.75
CA GLY A 221 2.61 -1.91 62.03
C GLY A 221 1.70 -1.66 63.22
N GLU A 222 0.72 -0.79 63.00
CA GLU A 222 -0.17 -0.35 64.07
C GLU A 222 -1.36 -1.29 64.25
N CYS A 223 -2.16 -0.99 65.28
CA CYS A 223 -3.44 -1.63 65.51
C CYS A 223 -4.38 -0.62 66.13
N LYS A 224 -5.10 0.10 65.28
CA LYS A 224 -5.98 1.18 65.72
C LYS A 224 -7.32 0.69 66.24
N CYS A 225 -7.76 1.30 67.34
CA CYS A 225 -9.01 0.91 67.98
C CYS A 225 -10.20 1.68 67.44
N ARG A 226 -11.33 1.01 67.32
CA ARG A 226 -12.56 1.66 66.89
C ARG A 226 -13.23 2.34 68.08
N VAL A 227 -14.46 2.79 67.89
CA VAL A 227 -15.19 3.50 68.94
C VAL A 227 -15.61 2.57 70.07
N GLY A 228 -15.22 2.92 71.29
CA GLY A 228 -15.64 2.19 72.46
C GLY A 228 -14.63 1.16 72.93
N TRP A 229 -13.51 1.07 72.22
CA TRP A 229 -12.47 0.08 72.56
C TRP A 229 -11.11 0.74 72.70
N GLN A 230 -10.30 0.19 73.61
CA GLN A 230 -8.96 0.71 73.85
C GLN A 230 -7.96 -0.43 74.08
N GLY A 231 -6.73 -0.07 74.42
CA GLY A 231 -5.69 -1.06 74.67
C GLY A 231 -4.77 -1.25 73.49
N ARG A 232 -3.75 -2.08 73.67
CA ARG A 232 -2.77 -2.33 72.63
C ARG A 232 -3.38 -3.08 71.46
N TYR A 233 -4.20 -4.08 71.77
CA TYR A 233 -4.79 -4.92 70.73
C TYR A 233 -6.27 -4.61 70.51
N CYS A 234 -6.73 -3.54 71.15
CA CYS A 234 -8.10 -3.03 70.99
C CYS A 234 -9.17 -4.05 71.37
N ASP A 235 -8.81 -5.00 72.24
CA ASP A 235 -9.76 -5.98 72.72
C ASP A 235 -10.24 -5.60 74.12
N GLU A 236 -9.79 -4.45 74.59
CA GLU A 236 -10.17 -3.95 75.91
C GLU A 236 -11.20 -2.83 75.78
N CYS A 237 -12.41 -3.08 76.28
CA CYS A 237 -13.49 -2.09 76.19
C CYS A 237 -13.23 -0.87 77.06
N ILE A 238 -14.04 0.16 76.86
CA ILE A 238 -13.96 1.37 77.67
C ILE A 238 -15.13 1.43 78.64
N ARG A 239 -14.82 1.53 79.93
CA ARG A 239 -15.86 1.63 80.95
C ARG A 239 -16.60 2.96 80.83
N TYR A 240 -17.76 3.04 81.48
CA TYR A 240 -18.51 4.29 81.56
C TYR A 240 -17.64 5.34 82.24
N PRO A 241 -17.61 6.57 81.68
CA PRO A 241 -16.79 7.65 82.23
C PRO A 241 -17.07 7.91 83.71
N GLY A 242 -16.06 7.75 84.55
CA GLY A 242 -16.20 7.95 85.97
C GLY A 242 -16.32 6.65 86.76
N CYS A 243 -16.26 5.53 86.05
CA CYS A 243 -16.35 4.22 86.67
C CYS A 243 -15.11 3.93 87.50
N LEU A 244 -15.30 3.67 88.80
CA LEU A 244 -14.19 3.42 89.70
C LEU A 244 -13.85 1.93 89.79
N HIS A 245 -14.61 1.21 90.62
CA HIS A 245 -14.34 -0.20 90.84
C HIS A 245 -15.36 -1.07 90.12
N GLY A 246 -15.00 -1.50 88.91
CA GLY A 246 -15.87 -2.32 88.09
C GLY A 246 -15.24 -2.52 86.72
N THR A 247 -15.87 -3.34 85.88
CA THR A 247 -15.33 -3.61 84.56
C THR A 247 -16.41 -3.78 83.50
N CYS A 248 -16.04 -3.50 82.26
CA CYS A 248 -16.95 -3.61 81.13
C CYS A 248 -16.86 -4.98 80.46
N GLN A 249 -17.98 -5.43 79.93
CA GLN A 249 -18.01 -6.61 79.07
C GLN A 249 -18.09 -6.10 77.63
N GLN A 250 -19.14 -5.34 77.36
CA GLN A 250 -19.24 -4.56 76.14
C GLN A 250 -18.94 -3.10 76.49
N PRO A 251 -18.56 -2.29 75.50
CA PRO A 251 -18.15 -0.90 75.78
C PRO A 251 -19.18 -0.08 76.54
N TRP A 252 -18.69 0.91 77.29
CA TRP A 252 -19.51 1.86 78.05
C TRP A 252 -20.29 1.23 79.20
N GLN A 253 -20.09 -0.07 79.42
CA GLN A 253 -20.68 -0.73 80.58
C GLN A 253 -19.81 -0.50 81.81
N CYS A 254 -20.44 -0.34 82.97
CA CYS A 254 -19.70 -0.22 84.22
C CYS A 254 -20.36 -1.09 85.29
N ASN A 255 -19.85 -2.31 85.43
CA ASN A 255 -20.42 -3.29 86.34
C ASN A 255 -19.62 -3.41 87.62
N CYS A 256 -20.19 -2.91 88.70
CA CYS A 256 -19.51 -2.87 90.00
C CYS A 256 -19.08 -4.25 90.49
N GLN A 257 -17.87 -4.33 91.01
CA GLN A 257 -17.36 -5.56 91.57
C GLN A 257 -17.77 -5.71 93.03
N GLU A 258 -17.06 -6.58 93.76
CA GLU A 258 -17.40 -6.92 95.13
C GLU A 258 -17.41 -5.73 96.08
N GLY A 259 -18.56 -5.48 96.70
CA GLY A 259 -18.67 -4.48 97.75
C GLY A 259 -18.85 -3.05 97.28
N TRP A 260 -19.44 -2.87 96.11
CA TRP A 260 -19.68 -1.53 95.57
C TRP A 260 -21.00 -1.48 94.82
N GLY A 261 -21.54 -0.27 94.67
CA GLY A 261 -22.81 -0.09 93.99
C GLY A 261 -22.95 1.26 93.32
N GLY A 262 -24.04 1.45 92.58
CA GLY A 262 -24.29 2.69 91.88
C GLY A 262 -23.71 2.65 90.48
N LEU A 263 -23.99 3.68 89.68
CA LEU A 263 -23.45 3.75 88.33
C LEU A 263 -21.95 3.95 88.35
N PHE A 264 -21.48 4.88 89.20
CA PHE A 264 -20.06 5.17 89.32
C PHE A 264 -19.29 4.07 90.03
N CYS A 265 -20.03 3.19 90.73
CA CYS A 265 -19.44 2.15 91.57
C CYS A 265 -18.57 2.74 92.68
N ASN A 266 -18.79 4.02 92.99
CA ASN A 266 -18.02 4.69 94.04
C ASN A 266 -18.67 4.52 95.41
N GLN A 267 -19.91 4.04 95.42
CA GLN A 267 -20.63 3.79 96.67
C GLN A 267 -20.02 2.61 97.41
N ASP A 268 -19.48 2.88 98.59
CA ASP A 268 -18.84 1.85 99.39
C ASP A 268 -19.74 1.33 100.50
N LEU A 269 -19.83 0.01 100.61
CA LEU A 269 -20.57 -0.62 101.68
C LEU A 269 -19.62 -1.30 102.66
N ASN A 270 -18.91 -0.48 103.45
CA ASN A 270 -17.97 -1.00 104.44
C ASN A 270 -17.93 -0.09 105.66
N TYR A 271 -17.51 1.15 105.45
CA TYR A 271 -17.51 2.15 106.51
C TYR A 271 -18.39 3.34 106.12
N SER B 2 -11.08 -13.04 17.78
CA SER B 2 -10.87 -14.16 16.88
C SER B 2 -11.91 -15.27 17.07
N GLY B 3 -12.20 -15.60 18.32
CA GLY B 3 -13.16 -16.64 18.61
C GLY B 3 -13.64 -16.66 20.05
N VAL B 4 -14.54 -17.59 20.37
CA VAL B 4 -15.09 -17.72 21.72
C VAL B 4 -15.19 -19.19 22.13
N PHE B 5 -14.69 -19.50 23.33
CA PHE B 5 -14.78 -20.85 23.88
C PHE B 5 -16.01 -20.97 24.78
N GLU B 6 -16.98 -21.77 24.35
CA GLU B 6 -18.21 -21.96 25.11
C GLU B 6 -18.20 -23.26 25.89
N LEU B 7 -18.50 -23.14 27.19
CA LEU B 7 -18.60 -24.29 28.08
C LEU B 7 -19.99 -24.37 28.71
N LYS B 8 -20.76 -25.36 28.28
CA LYS B 8 -22.10 -25.61 28.79
C LYS B 8 -22.08 -26.65 29.90
N LEU B 9 -22.52 -26.24 31.08
CA LEU B 9 -22.52 -27.12 32.25
C LEU B 9 -23.81 -27.88 32.41
N GLN B 10 -23.70 -29.21 32.47
CA GLN B 10 -24.83 -30.08 32.76
C GLN B 10 -24.41 -31.10 33.84
N GLU B 11 -25.41 -31.78 34.41
CA GLU B 11 -25.32 -32.82 35.46
C GLU B 11 -23.98 -33.13 36.17
N PHE B 12 -24.08 -33.39 37.48
CA PHE B 12 -23.01 -33.24 38.45
C PHE B 12 -22.95 -34.37 39.54
N VAL B 13 -24.12 -34.97 39.80
CA VAL B 13 -24.34 -36.17 40.65
C VAL B 13 -23.31 -36.33 41.76
N ASN B 14 -23.73 -35.98 42.98
CA ASN B 14 -22.90 -36.11 44.18
C ASN B 14 -23.22 -37.41 44.91
N LYS B 15 -22.35 -38.39 44.75
CA LYS B 15 -22.52 -39.68 45.39
C LYS B 15 -21.59 -39.83 46.59
N LYS B 16 -20.98 -38.72 47.02
CA LYS B 16 -20.20 -38.75 48.26
C LYS B 16 -21.15 -39.03 49.42
N GLY B 17 -20.83 -40.04 50.21
CA GLY B 17 -21.77 -40.59 51.17
C GLY B 17 -22.07 -39.76 52.41
N LEU B 18 -22.48 -40.46 53.47
CA LEU B 18 -22.79 -39.84 54.75
C LEU B 18 -21.58 -39.11 55.31
N LEU B 19 -20.50 -39.85 55.49
CA LEU B 19 -19.24 -39.27 55.98
C LEU B 19 -18.46 -38.66 54.82
N GLY B 20 -19.08 -38.58 53.65
CA GLY B 20 -18.47 -37.97 52.50
C GLY B 20 -18.41 -36.46 52.65
N ASN B 21 -19.42 -35.79 52.14
CA ASN B 21 -19.50 -34.34 52.20
C ASN B 21 -19.59 -33.81 53.63
N ARG B 22 -18.43 -33.52 54.21
CA ARG B 22 -18.39 -32.80 55.47
C ARG B 22 -17.93 -31.36 55.20
N ASN B 23 -17.28 -31.18 54.05
CA ASN B 23 -16.84 -29.85 53.62
C ASN B 23 -18.00 -28.88 53.59
N CYS B 24 -19.13 -29.33 53.05
CA CYS B 24 -20.31 -28.46 52.96
C CYS B 24 -21.19 -28.55 54.20
N CYS B 25 -20.89 -27.69 55.17
CA CYS B 25 -21.68 -27.64 56.39
C CYS B 25 -21.29 -26.40 57.18
N ARG B 26 -22.01 -26.13 58.27
CA ARG B 26 -21.71 -24.96 59.09
C ARG B 26 -20.33 -25.09 59.72
N GLY B 27 -19.54 -24.04 59.62
CA GLY B 27 -18.21 -24.05 60.18
C GLY B 27 -17.26 -24.94 59.42
N GLY B 28 -17.80 -25.75 58.52
CA GLY B 28 -16.94 -26.60 57.73
C GLY B 28 -16.85 -27.98 58.33
N ALA B 29 -17.46 -28.13 59.49
CA ALA B 29 -17.71 -29.46 60.04
C ALA B 29 -18.95 -29.44 60.93
N GLY B 30 -20.07 -29.91 60.39
CA GLY B 30 -21.32 -29.92 61.12
C GLY B 30 -21.89 -31.32 61.29
N PRO B 31 -23.22 -31.42 61.43
CA PRO B 31 -23.92 -32.70 61.55
C PRO B 31 -23.93 -33.48 60.24
N PRO B 32 -23.73 -34.81 60.32
CA PRO B 32 -23.53 -35.73 59.18
C PRO B 32 -24.42 -35.51 57.94
N PRO B 33 -25.75 -35.29 58.10
CA PRO B 33 -26.48 -35.06 56.84
C PRO B 33 -26.24 -33.65 56.31
N CYS B 34 -25.10 -33.45 55.64
CA CYS B 34 -24.69 -32.12 55.18
C CYS B 34 -25.18 -31.83 53.76
N ALA B 35 -25.85 -30.70 53.59
CA ALA B 35 -26.36 -30.29 52.29
C ALA B 35 -25.33 -29.46 51.53
N CYS B 36 -24.93 -29.94 50.36
CA CYS B 36 -23.88 -29.29 49.57
C CYS B 36 -24.43 -28.26 48.58
N ARG B 37 -24.29 -26.98 48.94
CA ARG B 37 -24.67 -25.90 48.02
C ARG B 37 -23.53 -25.66 47.03
N THR B 38 -23.66 -26.23 45.84
CA THR B 38 -22.57 -26.25 44.87
C THR B 38 -22.54 -25.04 43.92
N PHE B 39 -21.38 -24.40 43.87
CA PHE B 39 -21.07 -23.40 42.85
C PHE B 39 -19.80 -23.83 42.14
N PHE B 40 -19.59 -23.36 40.91
CA PHE B 40 -18.47 -23.84 40.10
C PHE B 40 -17.41 -22.79 39.81
N ARG B 41 -16.16 -23.23 39.72
CA ARG B 41 -15.02 -22.39 39.39
C ARG B 41 -14.26 -22.99 38.21
N VAL B 42 -14.32 -22.31 37.07
CA VAL B 42 -13.71 -22.80 35.84
C VAL B 42 -12.44 -22.03 35.50
N CYS B 43 -11.40 -22.76 35.09
CA CYS B 43 -10.14 -22.16 34.67
C CYS B 43 -9.61 -22.83 33.41
N LEU B 44 -9.32 -22.00 32.42
CA LEU B 44 -8.75 -22.42 31.15
C LEU B 44 -7.32 -21.93 31.02
N LYS B 45 -6.39 -22.86 30.80
CA LYS B 45 -5.01 -22.49 30.57
C LYS B 45 -4.42 -23.23 29.39
N HIS B 46 -3.14 -23.00 29.13
CA HIS B 46 -2.42 -23.65 28.04
C HIS B 46 -2.25 -25.15 28.31
N TYR B 47 -1.95 -25.90 27.26
CA TYR B 47 -1.70 -27.34 27.40
C TYR B 47 -0.53 -27.59 28.33
N GLN B 48 -0.74 -28.44 29.33
CA GLN B 48 0.31 -28.75 30.29
C GLN B 48 0.62 -30.25 30.31
N ALA B 49 1.88 -30.57 30.61
CA ALA B 49 2.29 -31.96 30.80
C ALA B 49 1.57 -32.54 32.00
N SER B 50 1.49 -31.74 33.06
CA SER B 50 0.73 -32.10 34.24
C SER B 50 -0.14 -30.91 34.67
N VAL B 51 -1.45 -31.09 34.62
CA VAL B 51 -2.39 -30.00 34.92
C VAL B 51 -2.35 -29.59 36.38
N SER B 52 -1.98 -28.34 36.63
CA SER B 52 -1.97 -27.80 37.99
C SER B 52 -3.14 -26.86 38.20
N PRO B 53 -3.98 -27.16 39.20
CA PRO B 53 -5.17 -26.35 39.53
C PRO B 53 -4.81 -24.95 40.02
N GLU B 54 -3.53 -24.71 40.27
CA GLU B 54 -3.04 -23.39 40.68
C GLU B 54 -3.45 -22.36 39.62
N PRO B 55 -3.82 -21.15 40.08
CA PRO B 55 -4.55 -20.23 39.19
C PRO B 55 -3.78 -19.05 38.58
N PRO B 56 -2.73 -19.29 37.79
CA PRO B 56 -2.43 -18.24 36.82
C PRO B 56 -3.11 -18.55 35.48
N CYS B 57 -4.44 -18.55 35.48
CA CYS B 57 -5.23 -18.96 34.33
C CYS B 57 -4.93 -18.09 33.11
N THR B 58 -4.23 -18.67 32.14
CA THR B 58 -3.74 -17.93 30.98
C THR B 58 -4.84 -17.65 29.96
N TYR B 59 -5.68 -18.65 29.71
CA TYR B 59 -6.76 -18.50 28.74
C TYR B 59 -8.01 -17.96 29.43
N GLY B 60 -7.97 -17.91 30.76
CA GLY B 60 -8.99 -17.17 31.50
C GLY B 60 -9.85 -18.01 32.42
N SER B 61 -10.52 -17.34 33.37
CA SER B 61 -11.30 -18.05 34.36
C SER B 61 -12.67 -17.41 34.61
N ALA B 62 -13.50 -18.11 35.36
CA ALA B 62 -14.84 -17.62 35.69
C ALA B 62 -15.40 -18.37 36.89
N VAL B 63 -16.04 -17.65 37.80
CA VAL B 63 -16.69 -18.27 38.95
C VAL B 63 -18.19 -17.98 38.93
N THR B 64 -18.98 -19.01 39.20
CA THR B 64 -20.43 -18.91 39.12
C THR B 64 -21.05 -18.72 40.49
N PRO B 65 -22.30 -18.21 40.53
CA PRO B 65 -23.04 -18.23 41.80
C PRO B 65 -23.45 -19.66 42.15
N VAL B 66 -24.10 -19.84 43.29
CA VAL B 66 -24.54 -21.18 43.68
C VAL B 66 -25.52 -21.73 42.65
N LEU B 67 -25.04 -22.72 41.89
CA LEU B 67 -25.81 -23.28 40.81
C LEU B 67 -26.71 -24.40 41.29
N GLY B 68 -26.41 -24.99 42.44
CA GLY B 68 -27.28 -26.04 42.94
C GLY B 68 -27.13 -26.49 44.38
N VAL B 69 -27.81 -27.59 44.70
CA VAL B 69 -27.67 -28.26 45.98
C VAL B 69 -27.56 -29.76 45.76
N ASP B 70 -26.54 -30.37 46.36
CA ASP B 70 -26.24 -31.79 46.19
C ASP B 70 -26.07 -32.14 44.71
N SER B 71 -27.00 -32.95 44.21
CA SER B 71 -26.98 -33.35 42.80
C SER B 71 -28.08 -32.63 42.05
N PHE B 72 -27.78 -32.16 40.84
CA PHE B 72 -28.75 -31.38 40.06
C PHE B 72 -28.42 -31.39 38.56
N SER B 73 -29.42 -31.04 37.75
CA SER B 73 -29.26 -30.99 36.29
C SER B 73 -29.73 -29.65 35.75
N LEU B 74 -28.86 -28.97 35.00
CA LEU B 74 -29.12 -27.60 34.56
C LEU B 74 -29.76 -27.52 33.18
N PRO B 75 -30.63 -26.51 32.98
CA PRO B 75 -31.20 -26.18 31.66
C PRO B 75 -30.34 -25.18 30.90
N ASP B 76 -30.82 -24.71 29.76
CA ASP B 76 -30.10 -23.73 28.96
C ASP B 76 -30.73 -22.35 29.05
N GLY B 77 -29.91 -21.31 28.93
CA GLY B 77 -30.39 -19.94 29.01
C GLY B 77 -30.96 -19.60 30.37
N GLY B 78 -32.23 -19.20 30.39
CA GLY B 78 -32.91 -18.87 31.63
C GLY B 78 -32.44 -17.55 32.22
N ASN B 86 -27.43 -21.29 30.57
CA ASN B 86 -26.60 -20.31 29.89
C ASN B 86 -25.15 -20.78 29.75
N PRO B 87 -24.72 -21.07 28.52
CA PRO B 87 -23.34 -21.51 28.24
C PRO B 87 -22.30 -20.44 28.59
N ILE B 88 -21.30 -20.82 29.39
CA ILE B 88 -20.25 -19.90 29.79
C ILE B 88 -19.37 -19.51 28.61
N ARG B 89 -19.11 -18.21 28.46
CA ARG B 89 -18.35 -17.72 27.32
C ARG B 89 -16.97 -17.17 27.68
N PHE B 90 -15.94 -17.77 27.10
CA PHE B 90 -14.57 -17.27 27.25
C PHE B 90 -14.09 -16.61 25.97
N PRO B 91 -14.01 -15.27 25.97
CA PRO B 91 -13.54 -14.55 24.79
C PRO B 91 -12.06 -14.81 24.50
N PHE B 92 -11.76 -15.15 23.26
CA PHE B 92 -10.39 -15.46 22.86
C PHE B 92 -9.99 -14.63 21.64
N GLY B 93 -9.12 -13.65 21.84
CA GLY B 93 -8.78 -12.71 20.78
C GLY B 93 -7.51 -13.03 20.03
N PHE B 94 -7.13 -14.31 20.05
CA PHE B 94 -5.94 -14.75 19.34
C PHE B 94 -6.21 -16.06 18.58
N THR B 95 -5.19 -16.56 17.89
CA THR B 95 -5.30 -17.83 17.19
C THR B 95 -5.54 -18.97 18.16
N TRP B 96 -6.60 -19.73 17.94
CA TRP B 96 -6.91 -20.89 18.77
C TRP B 96 -5.83 -21.94 18.64
N PRO B 97 -5.12 -22.22 19.75
CA PRO B 97 -3.99 -23.15 19.77
C PRO B 97 -4.39 -24.58 19.41
N GLY B 98 -5.66 -24.90 19.59
CA GLY B 98 -6.14 -26.24 19.30
C GLY B 98 -6.01 -27.16 20.50
N THR B 99 -5.08 -26.83 21.40
CA THR B 99 -4.86 -27.62 22.60
C THR B 99 -5.00 -26.75 23.84
N PHE B 100 -5.52 -27.32 24.93
CA PHE B 100 -5.68 -26.57 26.17
C PHE B 100 -5.81 -27.45 27.41
N SER B 101 -5.78 -26.80 28.56
CA SER B 101 -6.00 -27.48 29.84
C SER B 101 -7.22 -26.89 30.54
N LEU B 102 -8.19 -27.77 30.81
CA LEU B 102 -9.44 -27.39 31.43
C LEU B 102 -9.49 -27.84 32.90
N ILE B 103 -9.89 -26.91 33.76
CA ILE B 103 -10.04 -27.21 35.18
C ILE B 103 -11.40 -26.76 35.68
N ILE B 104 -12.24 -27.72 36.04
CA ILE B 104 -13.54 -27.40 36.63
C ILE B 104 -13.62 -27.84 38.07
N GLU B 105 -13.70 -26.88 38.97
CA GLU B 105 -13.81 -27.18 40.38
C GLU B 105 -15.23 -26.98 40.88
N ALA B 106 -15.81 -28.05 41.39
CA ALA B 106 -17.12 -27.95 42.04
C ALA B 106 -16.89 -27.70 43.52
N LEU B 107 -17.43 -26.60 44.02
CA LEU B 107 -17.13 -26.18 45.38
C LEU B 107 -18.36 -25.85 46.21
N HIS B 108 -18.24 -26.08 47.51
CA HIS B 108 -19.16 -25.48 48.46
C HIS B 108 -18.52 -24.25 49.05
N THR B 109 -19.36 -23.26 49.31
CA THR B 109 -19.05 -22.03 50.05
C THR B 109 -19.61 -22.15 51.45
N ASP B 110 -20.81 -21.58 51.65
CA ASP B 110 -21.56 -21.65 52.90
C ASP B 110 -23.00 -21.13 52.76
N SER B 111 -23.76 -21.22 53.84
CA SER B 111 -25.18 -20.83 53.85
C SER B 111 -25.45 -19.34 53.60
N PRO B 112 -24.70 -18.42 54.24
CA PRO B 112 -25.01 -17.02 53.97
C PRO B 112 -24.69 -16.60 52.54
N ASP B 113 -23.64 -17.18 51.96
CA ASP B 113 -23.26 -16.86 50.60
C ASP B 113 -23.96 -17.77 49.60
N PRO B 120 -15.54 -18.60 53.91
CA PRO B 120 -14.63 -19.65 53.47
C PRO B 120 -15.22 -20.49 52.33
N GLU B 121 -14.37 -20.97 51.45
CA GLU B 121 -14.82 -21.76 50.30
C GLU B 121 -14.25 -23.18 50.38
N ARG B 122 -15.09 -24.15 50.73
CA ARG B 122 -14.70 -25.55 50.83
C ARG B 122 -15.37 -26.46 49.81
N LEU B 123 -15.00 -26.28 48.54
CA LEU B 123 -14.82 -27.40 47.56
C LEU B 123 -15.85 -28.54 47.51
N ILE B 124 -15.67 -29.49 46.59
CA ILE B 124 -16.40 -30.75 46.55
C ILE B 124 -15.64 -31.72 45.65
N SER B 125 -15.35 -31.28 44.43
CA SER B 125 -14.72 -32.16 43.44
C SER B 125 -13.91 -31.37 42.42
N ARG B 126 -13.03 -32.06 41.69
CA ARG B 126 -12.16 -31.38 40.74
C ARG B 126 -11.91 -32.17 39.47
N LEU B 127 -12.14 -31.51 38.34
CA LEU B 127 -11.77 -32.04 37.03
C LEU B 127 -10.58 -31.26 36.49
N ALA B 128 -9.56 -31.98 36.04
CA ALA B 128 -8.38 -31.34 35.48
C ALA B 128 -7.84 -32.19 34.34
N THR B 129 -7.92 -31.68 33.12
CA THR B 129 -7.52 -32.48 31.97
C THR B 129 -6.92 -31.67 30.81
N GLN B 130 -6.20 -32.37 29.94
CA GLN B 130 -5.67 -31.77 28.72
C GLN B 130 -6.49 -32.26 27.52
N ARG B 131 -6.91 -31.32 26.67
CA ARG B 131 -7.74 -31.66 25.52
C ARG B 131 -7.27 -30.99 24.24
N HIS B 132 -7.56 -31.63 23.10
CA HIS B 132 -7.28 -31.06 21.79
C HIS B 132 -8.59 -30.82 21.05
N LEU B 133 -8.93 -29.54 20.87
CA LEU B 133 -10.22 -29.17 20.31
C LEU B 133 -10.07 -28.45 18.97
N THR B 134 -10.67 -29.04 17.93
CA THR B 134 -10.71 -28.40 16.62
C THR B 134 -11.90 -27.45 16.56
N VAL B 135 -11.72 -26.32 15.88
CA VAL B 135 -12.76 -25.30 15.80
C VAL B 135 -13.99 -25.80 15.04
N GLY B 136 -15.17 -25.57 15.62
CA GLY B 136 -16.41 -25.96 15.00
C GLY B 136 -17.59 -25.59 15.87
N GLU B 137 -18.78 -25.55 15.27
CA GLU B 137 -20.00 -25.23 16.02
C GLU B 137 -20.58 -26.47 16.69
N GLU B 138 -20.13 -27.64 16.28
CA GLU B 138 -20.61 -28.89 16.87
C GLU B 138 -20.07 -29.04 18.29
N TRP B 139 -20.96 -29.30 19.24
CA TRP B 139 -20.57 -29.44 20.63
C TRP B 139 -19.80 -30.72 20.90
N SER B 140 -18.79 -30.61 21.75
CA SER B 140 -18.02 -31.76 22.21
C SER B 140 -18.45 -32.12 23.63
N GLN B 141 -19.15 -33.25 23.77
CA GLN B 141 -19.70 -33.64 25.06
C GLN B 141 -18.84 -34.68 25.76
N ASP B 142 -18.79 -34.61 27.08
CA ASP B 142 -17.94 -35.47 27.88
C ASP B 142 -18.44 -35.59 29.33
N LEU B 143 -17.98 -36.63 30.01
CA LEU B 143 -18.28 -36.87 31.40
C LEU B 143 -17.01 -36.85 32.24
N HIS B 144 -17.15 -36.52 33.53
CA HIS B 144 -16.04 -36.67 34.45
C HIS B 144 -16.47 -37.37 35.72
N SER B 145 -15.68 -38.35 36.15
CA SER B 145 -15.87 -39.01 37.41
C SER B 145 -14.66 -38.81 38.32
N SER B 146 -14.84 -38.05 39.39
CA SER B 146 -13.81 -37.92 40.40
C SER B 146 -13.96 -39.07 41.39
N GLY B 147 -14.62 -40.13 40.93
CA GLY B 147 -14.96 -41.26 41.77
C GLY B 147 -16.42 -41.17 42.15
N ARG B 148 -16.70 -40.35 43.17
CA ARG B 148 -18.06 -40.23 43.67
C ARG B 148 -18.91 -39.13 43.00
N THR B 149 -18.29 -38.25 42.23
CA THR B 149 -19.02 -37.14 41.61
C THR B 149 -19.04 -37.27 40.09
N ASP B 150 -20.12 -36.83 39.45
CA ASP B 150 -20.29 -37.06 38.01
C ASP B 150 -20.68 -35.81 37.21
N LEU B 151 -19.69 -35.13 36.65
CA LEU B 151 -19.94 -33.89 35.90
C LEU B 151 -20.24 -34.18 34.43
N LYS B 152 -21.27 -33.53 33.85
CA LYS B 152 -21.60 -33.79 32.45
C LYS B 152 -21.54 -32.52 31.62
N TYR B 153 -20.44 -32.30 30.91
CA TYR B 153 -20.26 -31.01 30.28
C TYR B 153 -20.13 -31.09 28.76
N SER B 154 -20.39 -29.96 28.12
CA SER B 154 -20.14 -29.85 26.68
C SER B 154 -19.31 -28.60 26.43
N TYR B 155 -18.47 -28.62 25.40
CA TYR B 155 -17.68 -27.44 25.08
C TYR B 155 -17.41 -27.34 23.59
N ARG B 156 -17.23 -26.12 23.11
CA ARG B 156 -16.88 -25.89 21.71
C ARG B 156 -16.14 -24.58 21.54
N PHE B 157 -15.50 -24.39 20.40
CA PHE B 157 -14.88 -23.10 20.08
C PHE B 157 -15.43 -22.59 18.77
N VAL B 158 -16.06 -21.41 18.81
CA VAL B 158 -16.67 -20.84 17.62
C VAL B 158 -15.95 -19.58 17.17
N CYS B 159 -15.57 -19.53 15.89
CA CYS B 159 -14.95 -18.35 15.31
C CYS B 159 -15.84 -17.12 15.48
N ASP B 160 -15.24 -15.98 15.73
CA ASP B 160 -15.97 -14.72 15.74
C ASP B 160 -16.41 -14.40 14.32
N GLU B 161 -17.33 -13.44 14.17
CA GLU B 161 -17.77 -13.02 12.86
C GLU B 161 -16.59 -12.50 12.06
N HIS B 162 -16.59 -12.78 10.76
CA HIS B 162 -15.55 -12.36 9.82
C HIS B 162 -14.22 -13.08 10.04
N TYR B 163 -14.19 -14.05 10.96
CA TYR B 163 -12.99 -14.82 11.21
C TYR B 163 -13.11 -16.23 10.65
N TYR B 164 -12.06 -16.70 9.98
CA TYR B 164 -12.05 -18.01 9.34
C TYR B 164 -10.77 -18.77 9.65
N GLY B 165 -10.73 -20.04 9.25
CA GLY B 165 -9.51 -20.83 9.38
C GLY B 165 -9.58 -21.90 10.45
N GLU B 166 -8.48 -22.65 10.58
CA GLU B 166 -8.40 -23.74 11.55
C GLU B 166 -8.30 -23.22 12.97
N GLY B 167 -7.83 -21.99 13.12
CA GLY B 167 -7.71 -21.37 14.43
C GLY B 167 -8.40 -20.01 14.50
N CYS B 168 -9.32 -19.78 13.56
CA CYS B 168 -10.04 -18.51 13.47
C CYS B 168 -9.09 -17.33 13.34
N SER B 169 -7.95 -17.55 12.71
CA SER B 169 -6.90 -16.54 12.63
C SER B 169 -7.01 -15.66 11.39
N VAL B 170 -7.78 -16.12 10.41
CA VAL B 170 -7.96 -15.39 9.16
C VAL B 170 -9.14 -14.44 9.22
N PHE B 171 -8.88 -13.15 9.09
CA PHE B 171 -9.95 -12.15 9.11
C PHE B 171 -10.35 -11.76 7.69
N CYS B 172 -11.66 -11.61 7.50
CA CYS B 172 -12.20 -11.19 6.21
C CYS B 172 -13.63 -10.68 6.36
N ARG B 173 -13.87 -9.46 5.89
CA ARG B 173 -15.23 -8.96 5.77
C ARG B 173 -15.42 -8.39 4.36
N PRO B 174 -16.51 -8.81 3.70
CA PRO B 174 -16.82 -8.42 2.32
C PRO B 174 -16.77 -6.92 2.11
N ARG B 175 -16.35 -6.47 0.93
CA ARG B 175 -16.18 -5.05 0.64
C ARG B 175 -16.56 -4.65 -0.77
N ASP B 176 -17.11 -3.45 -0.90
CA ASP B 176 -17.28 -2.80 -2.20
C ASP B 176 -17.08 -1.29 -2.01
N ASP B 177 -15.81 -0.88 -1.98
CA ASP B 177 -15.46 0.52 -1.78
C ASP B 177 -14.05 0.80 -2.28
N ALA B 178 -13.57 2.01 -2.01
CA ALA B 178 -12.24 2.42 -2.45
C ALA B 178 -11.16 1.50 -1.87
N PHE B 179 -11.42 0.95 -0.70
CA PHE B 179 -10.47 0.07 -0.03
C PHE B 179 -10.44 -1.33 -0.64
N GLY B 180 -11.43 -1.66 -1.47
CA GLY B 180 -11.43 -2.95 -2.14
C GLY B 180 -12.79 -3.49 -2.54
N HIS B 181 -12.78 -4.51 -3.39
CA HIS B 181 -14.02 -5.13 -3.85
C HIS B 181 -13.90 -6.64 -3.82
N PHE B 182 -14.37 -7.27 -2.75
CA PHE B 182 -14.23 -8.72 -2.61
C PHE B 182 -15.29 -9.38 -1.72
N THR B 183 -15.45 -10.68 -1.90
CA THR B 183 -16.31 -11.50 -1.06
C THR B 183 -15.48 -12.60 -0.41
N CYS B 184 -15.76 -12.91 0.85
CA CYS B 184 -14.95 -13.87 1.59
C CYS B 184 -15.24 -15.31 1.20
N GLY B 185 -14.19 -16.12 1.17
CA GLY B 185 -14.29 -17.51 0.76
C GLY B 185 -14.41 -18.45 1.94
N GLU B 186 -14.14 -19.73 1.68
CA GLU B 186 -14.31 -20.76 2.69
C GLU B 186 -13.21 -20.73 3.74
N ARG B 187 -11.97 -20.56 3.29
CA ARG B 187 -10.82 -20.52 4.19
C ARG B 187 -10.50 -19.09 4.60
N GLY B 188 -11.43 -18.18 4.35
CA GLY B 188 -11.20 -16.76 4.61
C GLY B 188 -10.58 -16.12 3.39
N GLU B 189 -10.56 -16.89 2.31
CA GLU B 189 -10.00 -16.45 1.04
C GLU B 189 -10.72 -15.24 0.48
N LYS B 190 -9.98 -14.18 0.19
CA LYS B 190 -10.56 -13.02 -0.46
C LYS B 190 -10.75 -13.28 -1.95
N VAL B 191 -12.01 -13.33 -2.37
CA VAL B 191 -12.34 -13.53 -3.78
C VAL B 191 -12.77 -12.20 -4.40
N CYS B 192 -11.90 -11.66 -5.26
CA CYS B 192 -12.14 -10.36 -5.87
C CYS B 192 -13.43 -10.33 -6.68
N ASN B 193 -14.16 -9.23 -6.54
CA ASN B 193 -15.33 -8.98 -7.38
C ASN B 193 -14.93 -8.91 -8.85
N PRO B 194 -15.87 -9.21 -9.76
CA PRO B 194 -15.54 -9.19 -11.20
C PRO B 194 -15.02 -7.84 -11.66
N GLY B 195 -13.84 -7.83 -12.28
CA GLY B 195 -13.24 -6.62 -12.78
C GLY B 195 -12.29 -5.95 -11.80
N TRP B 196 -11.77 -6.76 -10.87
CA TRP B 196 -10.84 -6.24 -9.87
C TRP B 196 -9.73 -7.25 -9.58
N LYS B 197 -8.57 -6.75 -9.19
CA LYS B 197 -7.42 -7.60 -8.90
C LYS B 197 -6.57 -7.02 -7.77
N GLY B 198 -5.56 -7.77 -7.34
CA GLY B 198 -4.68 -7.33 -6.27
C GLY B 198 -4.98 -8.03 -4.95
N PRO B 199 -4.03 -7.96 -4.01
CA PRO B 199 -4.15 -8.58 -2.68
C PRO B 199 -5.40 -8.13 -1.92
N TYR B 200 -5.75 -6.86 -2.06
CA TYR B 200 -6.94 -6.32 -1.40
C TYR B 200 -8.03 -6.01 -2.41
N CYS B 201 -7.86 -6.50 -3.63
CA CYS B 201 -8.82 -6.31 -4.73
C CYS B 201 -9.12 -4.83 -4.93
N THR B 202 -8.08 -4.05 -5.22
CA THR B 202 -8.25 -2.61 -5.38
C THR B 202 -8.05 -2.16 -6.82
N GLU B 203 -6.96 -2.60 -7.43
CA GLU B 203 -6.65 -2.22 -8.81
C GLU B 203 -7.66 -2.85 -9.77
N PRO B 204 -8.25 -2.02 -10.64
CA PRO B 204 -9.25 -2.49 -11.60
C PRO B 204 -8.64 -3.28 -12.75
N ILE B 205 -9.35 -4.31 -13.20
CA ILE B 205 -8.90 -5.09 -14.34
C ILE B 205 -9.15 -4.33 -15.64
N CYS B 206 -8.07 -4.00 -16.33
CA CYS B 206 -8.15 -3.21 -17.56
C CYS B 206 -8.96 -3.91 -18.66
N LEU B 207 -9.43 -3.11 -19.62
CA LEU B 207 -10.19 -3.61 -20.76
C LEU B 207 -9.40 -4.68 -21.53
N PRO B 208 -10.08 -5.76 -21.94
CA PRO B 208 -9.43 -6.86 -22.65
C PRO B 208 -8.72 -6.43 -23.92
N GLY B 209 -7.42 -6.68 -23.99
CA GLY B 209 -6.63 -6.35 -25.17
C GLY B 209 -5.82 -5.08 -24.99
N CYS B 210 -6.18 -4.30 -23.97
CA CYS B 210 -5.48 -3.06 -23.65
C CYS B 210 -4.01 -3.35 -23.41
N ASP B 211 -3.14 -2.54 -24.03
CA ASP B 211 -1.70 -2.78 -24.00
C ASP B 211 -1.17 -2.87 -22.57
N GLU B 212 -0.28 -3.82 -22.35
CA GLU B 212 0.28 -4.08 -21.04
C GLU B 212 1.08 -2.89 -20.52
N GLN B 213 2.04 -2.44 -21.33
CA GLN B 213 2.96 -1.39 -20.91
C GLN B 213 2.40 0.01 -21.13
N HIS B 214 1.74 0.21 -22.26
CA HIS B 214 1.35 1.54 -22.69
C HIS B 214 -0.09 1.89 -22.37
N GLY B 215 -0.70 1.14 -21.46
CA GLY B 215 -2.08 1.39 -21.08
C GLY B 215 -2.31 1.20 -19.59
N PHE B 216 -3.27 1.95 -19.05
CA PHE B 216 -3.62 1.83 -17.64
C PHE B 216 -5.11 2.05 -17.42
N CYS B 217 -5.56 1.93 -16.19
CA CYS B 217 -6.99 2.01 -15.88
C CYS B 217 -7.30 2.77 -14.60
N ASP B 218 -8.40 3.51 -14.61
CA ASP B 218 -8.93 4.13 -13.40
C ASP B 218 -10.18 3.36 -12.96
N LYS B 219 -11.09 3.16 -13.89
CA LYS B 219 -12.27 2.34 -13.69
C LYS B 219 -12.11 1.04 -14.48
N PRO B 220 -12.71 -0.06 -14.00
CA PRO B 220 -12.57 -1.40 -14.61
C PRO B 220 -12.78 -1.45 -16.12
N GLY B 221 -13.81 -0.79 -16.63
CA GLY B 221 -14.15 -0.88 -18.04
C GLY B 221 -13.16 -0.20 -18.97
N GLU B 222 -12.50 0.84 -18.50
CA GLU B 222 -11.71 1.72 -19.35
C GLU B 222 -10.41 1.11 -19.88
N CYS B 223 -9.69 1.91 -20.66
CA CYS B 223 -8.33 1.62 -21.11
C CYS B 223 -7.69 2.93 -21.59
N LYS B 224 -6.93 3.56 -20.71
CA LYS B 224 -6.36 4.87 -20.99
C LYS B 224 -4.91 4.78 -21.44
N CYS B 225 -4.57 5.55 -22.47
CA CYS B 225 -3.25 5.49 -23.07
C CYS B 225 -2.24 6.37 -22.35
N ARG B 226 -1.00 5.91 -22.30
CA ARG B 226 0.09 6.67 -21.72
C ARG B 226 0.64 7.66 -22.74
N VAL B 227 1.65 8.42 -22.34
CA VAL B 227 2.22 9.46 -23.19
C VAL B 227 2.84 8.90 -24.46
N GLY B 228 2.39 9.42 -25.61
CA GLY B 228 2.92 9.01 -26.89
C GLY B 228 2.24 7.80 -27.47
N TRP B 229 1.04 7.50 -26.98
CA TRP B 229 0.29 6.35 -27.46
C TRP B 229 -1.20 6.67 -27.59
N GLN B 230 -1.88 5.97 -28.49
CA GLN B 230 -3.30 6.22 -28.74
C GLN B 230 -4.01 4.95 -29.21
N GLY B 231 -5.31 5.09 -29.48
CA GLY B 231 -6.11 3.96 -29.93
C GLY B 231 -6.98 3.39 -28.83
N ARG B 232 -7.76 2.36 -29.17
CA ARG B 232 -8.62 1.72 -28.21
C ARG B 232 -7.82 0.92 -27.18
N TYR B 233 -6.85 0.15 -27.68
CA TYR B 233 -6.06 -0.73 -26.81
C TYR B 233 -4.70 -0.11 -26.49
N CYS B 234 -4.50 1.12 -26.94
CA CYS B 234 -3.27 1.88 -26.66
C CYS B 234 -2.03 1.15 -27.16
N ASP B 235 -2.18 0.41 -28.25
CA ASP B 235 -1.06 -0.29 -28.88
C ASP B 235 -0.61 0.45 -30.13
N GLU B 236 -1.14 1.66 -30.30
CA GLU B 236 -0.90 2.45 -31.50
C GLU B 236 -0.08 3.70 -31.18
N CYS B 237 1.07 3.84 -31.82
CA CYS B 237 1.99 4.93 -31.54
C CYS B 237 1.52 6.29 -32.06
N ILE B 238 2.25 7.33 -31.67
CA ILE B 238 1.99 8.68 -32.15
C ILE B 238 3.22 9.21 -32.89
N ARG B 239 3.02 9.62 -34.14
CA ARG B 239 4.11 10.13 -34.96
C ARG B 239 4.64 11.47 -34.45
N TYR B 240 5.78 11.89 -35.00
CA TYR B 240 6.30 13.22 -34.76
C TYR B 240 5.22 14.22 -35.15
N PRO B 241 4.89 15.16 -34.25
CA PRO B 241 3.69 16.01 -34.33
C PRO B 241 3.41 16.63 -35.70
N GLY B 242 4.44 16.81 -36.53
CA GLY B 242 4.24 17.39 -37.85
C GLY B 242 4.44 16.43 -39.01
N CYS B 243 4.44 15.14 -38.70
CA CYS B 243 4.66 14.10 -39.71
C CYS B 243 3.53 14.08 -40.72
N LEU B 244 3.87 14.22 -41.99
CA LEU B 244 2.87 14.24 -43.06
C LEU B 244 2.63 12.85 -43.62
N HIS B 245 3.51 12.42 -44.53
CA HIS B 245 3.42 11.09 -45.10
C HIS B 245 4.45 10.17 -44.47
N GLY B 246 4.11 9.60 -43.31
CA GLY B 246 5.02 8.73 -42.59
C GLY B 246 4.33 7.81 -41.60
N THR B 247 5.11 6.92 -40.99
CA THR B 247 4.59 5.98 -40.01
C THR B 247 5.46 5.96 -38.75
N CYS B 248 4.99 5.26 -37.72
CA CYS B 248 5.75 5.09 -36.50
C CYS B 248 5.77 3.62 -36.05
N GLN B 249 6.83 3.25 -35.34
CA GLN B 249 6.87 1.99 -34.61
C GLN B 249 6.79 2.34 -33.13
N GLN B 250 7.71 3.21 -32.72
CA GLN B 250 7.68 3.79 -31.39
C GLN B 250 7.29 5.26 -31.51
N PRO B 251 6.79 5.86 -30.43
CA PRO B 251 6.32 7.25 -30.48
C PRO B 251 7.38 8.23 -30.98
N TRP B 252 6.90 9.33 -31.57
CA TRP B 252 7.72 10.44 -32.07
C TRP B 252 8.61 10.04 -33.25
N GLN B 253 8.35 8.86 -33.81
CA GLN B 253 9.02 8.45 -35.03
C GLN B 253 8.24 8.98 -36.22
N CYS B 254 8.94 9.25 -37.32
CA CYS B 254 8.29 9.67 -38.55
C CYS B 254 9.02 9.06 -39.75
N ASN B 255 8.59 7.86 -40.12
CA ASN B 255 9.22 7.09 -41.19
C ASN B 255 8.67 7.42 -42.57
N CYS B 256 9.42 8.20 -43.33
CA CYS B 256 9.00 8.64 -44.65
C CYS B 256 8.69 7.47 -45.58
N GLN B 257 7.48 7.47 -46.11
CA GLN B 257 7.09 6.48 -47.11
C GLN B 257 7.89 6.72 -48.39
N GLU B 258 7.94 5.73 -49.25
CA GLU B 258 8.74 5.81 -50.47
C GLU B 258 8.27 6.97 -51.35
N GLY B 259 9.22 7.78 -51.81
CA GLY B 259 8.92 8.91 -52.66
C GLY B 259 8.92 10.21 -51.89
N TRP B 260 9.06 10.11 -50.57
CA TRP B 260 9.04 11.27 -49.69
C TRP B 260 10.29 11.33 -48.83
N GLY B 261 10.57 12.49 -48.27
CA GLY B 261 11.73 12.67 -47.41
C GLY B 261 11.63 13.91 -46.54
N GLY B 262 12.62 14.11 -45.68
CA GLY B 262 12.64 15.24 -44.77
C GLY B 262 12.27 14.84 -43.36
N LEU B 263 12.44 15.76 -42.42
CA LEU B 263 12.13 15.50 -41.02
C LEU B 263 10.64 15.20 -40.83
N PHE B 264 9.80 15.97 -41.51
CA PHE B 264 8.36 15.82 -41.39
C PHE B 264 7.77 15.02 -42.57
N CYS B 265 8.66 14.50 -43.41
CA CYS B 265 8.28 13.75 -44.61
C CYS B 265 7.30 14.55 -45.47
N ASN B 266 7.59 15.84 -45.65
CA ASN B 266 6.76 16.73 -46.44
C ASN B 266 7.30 16.92 -47.84
N GLN B 267 8.56 16.54 -48.04
CA GLN B 267 9.26 16.79 -49.29
C GLN B 267 9.03 15.68 -50.30
N ASP B 268 8.53 16.05 -51.48
CA ASP B 268 8.31 15.10 -52.56
C ASP B 268 9.60 14.93 -53.36
N LEU B 269 10.16 13.74 -53.33
CA LEU B 269 11.41 13.46 -54.03
C LEU B 269 11.21 13.45 -55.54
N ASN B 270 10.00 13.15 -55.97
CA ASN B 270 9.64 13.23 -57.37
C ASN B 270 8.62 14.34 -57.60
N TYR B 271 9.12 15.53 -57.89
CA TYR B 271 8.27 16.70 -58.04
C TYR B 271 8.13 17.06 -59.52
N CYS B 272 9.26 17.16 -60.20
CA CYS B 272 9.29 17.49 -61.62
C CYS B 272 8.56 16.46 -62.46
N THR B 273 8.93 15.19 -62.26
CA THR B 273 8.30 14.09 -62.98
C THR B 273 6.85 13.91 -62.58
N HIS B 274 6.43 14.61 -61.53
CA HIS B 274 5.06 14.56 -61.04
C HIS B 274 4.23 15.71 -61.59
N HIS B 275 4.60 16.93 -61.24
CA HIS B 275 3.82 18.12 -61.60
C HIS B 275 4.19 18.69 -62.97
N LYS B 276 5.49 18.68 -63.27
CA LYS B 276 6.03 19.36 -64.46
C LYS B 276 5.60 20.82 -64.50
N PRO B 277 6.14 21.64 -63.57
CA PRO B 277 5.71 23.04 -63.41
C PRO B 277 6.32 24.01 -64.43
N CYS B 278 7.53 23.71 -64.90
CA CYS B 278 8.23 24.61 -65.82
C CYS B 278 7.51 24.72 -67.17
N LYS B 279 7.34 25.95 -67.63
CA LYS B 279 6.63 26.21 -68.88
C LYS B 279 7.56 26.72 -69.97
N ASN B 280 7.00 26.97 -71.15
CA ASN B 280 7.74 27.46 -72.31
C ASN B 280 8.89 26.53 -72.69
N GLY B 281 8.63 25.23 -72.57
CA GLY B 281 9.55 24.20 -72.98
C GLY B 281 10.76 24.05 -72.09
N ALA B 282 10.72 24.70 -70.94
CA ALA B 282 11.85 24.73 -70.02
C ALA B 282 12.07 23.38 -69.38
N THR B 283 13.13 23.24 -68.60
CA THR B 283 13.49 21.94 -68.05
C THR B 283 13.52 21.87 -66.54
N CYS B 284 12.58 21.08 -66.02
CA CYS B 284 12.48 20.86 -64.60
C CYS B 284 13.47 19.82 -64.10
N THR B 285 14.19 20.21 -63.08
CA THR B 285 15.13 19.33 -62.40
C THR B 285 14.90 19.37 -60.88
N ASN B 286 14.80 18.17 -60.29
CA ASN B 286 14.56 18.03 -58.86
C ASN B 286 15.79 18.43 -58.05
N THR B 287 15.57 19.20 -56.98
CA THR B 287 16.66 19.64 -56.13
C THR B 287 16.85 18.69 -54.94
N GLY B 288 15.96 17.71 -54.83
CA GLY B 288 16.04 16.72 -53.77
C GLY B 288 15.47 17.18 -52.44
N GLN B 289 15.24 18.48 -52.32
CA GLN B 289 14.71 19.06 -51.10
C GLN B 289 13.19 19.08 -51.11
N GLY B 290 12.60 18.39 -52.07
CA GLY B 290 11.17 18.43 -52.26
C GLY B 290 10.78 19.63 -53.10
N SER B 291 11.80 20.35 -53.55
CA SER B 291 11.61 21.53 -54.39
C SER B 291 12.07 21.22 -55.82
N TYR B 292 12.09 22.26 -56.66
CA TYR B 292 12.41 22.10 -58.07
C TYR B 292 13.14 23.32 -58.59
N THR B 293 13.83 23.16 -59.71
CA THR B 293 14.41 24.30 -60.42
C THR B 293 14.24 24.16 -61.93
N CYS B 294 13.92 25.27 -62.58
CA CYS B 294 13.64 25.29 -64.00
C CYS B 294 14.80 25.82 -64.82
N SER B 295 15.15 25.08 -65.87
CA SER B 295 16.04 25.61 -66.87
C SER B 295 15.09 26.18 -67.89
N CYS B 296 15.18 27.49 -68.08
CA CYS B 296 14.33 28.19 -69.03
C CYS B 296 14.90 28.21 -70.45
N ARG B 297 14.01 28.17 -71.43
CA ARG B 297 14.38 28.40 -72.81
C ARG B 297 14.80 29.86 -72.97
N PRO B 298 15.92 30.11 -73.66
CA PRO B 298 16.46 31.46 -73.86
C PRO B 298 15.42 32.46 -74.34
N GLY B 299 15.27 33.56 -73.61
CA GLY B 299 14.26 34.56 -73.92
C GLY B 299 13.14 34.55 -72.90
N TYR B 300 13.26 33.70 -71.90
CA TYR B 300 12.26 33.60 -70.84
C TYR B 300 12.93 33.57 -69.46
N THR B 301 12.43 34.41 -68.55
CA THR B 301 12.95 34.46 -67.18
C THR B 301 11.84 34.15 -66.19
N GLY B 302 12.19 34.09 -64.90
CA GLY B 302 11.22 33.79 -63.86
C GLY B 302 11.40 32.39 -63.29
N ALA B 303 10.62 32.07 -62.25
CA ALA B 303 10.70 30.76 -61.61
C ALA B 303 10.20 29.65 -62.53
N THR B 304 9.02 29.86 -63.11
CA THR B 304 8.43 28.86 -63.99
C THR B 304 8.59 29.23 -65.47
N CYS B 305 9.49 30.19 -65.72
CA CYS B 305 9.74 30.68 -67.08
C CYS B 305 8.46 31.16 -67.76
N GLU B 306 8.02 32.36 -67.42
CA GLU B 306 6.78 32.91 -67.95
C GLU B 306 7.06 33.87 -69.11
N LEU B 307 7.57 35.05 -68.79
CA LEU B 307 7.93 36.03 -69.80
C LEU B 307 9.44 36.30 -69.71
N GLY B 308 9.89 37.37 -70.36
CA GLY B 308 11.30 37.72 -70.36
C GLY B 308 11.66 38.47 -71.63
N ILE B 309 10.75 38.46 -72.59
CA ILE B 309 10.92 39.22 -73.81
C ILE B 309 10.58 40.69 -73.55
N ASP B 310 9.96 41.35 -74.52
CA ASP B 310 9.70 42.79 -74.44
C ASP B 310 11.01 43.48 -74.12
N GLU B 311 12.07 43.04 -74.80
CA GLU B 311 13.44 43.47 -74.49
C GLU B 311 13.67 44.93 -74.86
N CYS B 312 12.60 45.59 -75.32
CA CYS B 312 12.62 47.03 -75.54
C CYS B 312 12.40 47.77 -74.23
N ASP B 313 12.32 47.02 -73.13
CA ASP B 313 12.22 47.61 -71.80
C ASP B 313 13.53 48.37 -71.51
N PRO B 314 14.68 47.74 -71.79
CA PRO B 314 15.84 48.62 -72.00
C PRO B 314 15.99 48.93 -73.50
N SER B 315 15.18 49.88 -73.99
CA SER B 315 15.06 50.15 -75.43
C SER B 315 16.38 50.31 -76.15
N PRO B 316 16.67 49.39 -77.07
CA PRO B 316 17.94 49.34 -77.81
C PRO B 316 18.04 50.37 -78.92
N CYS B 317 16.94 50.65 -79.62
CA CYS B 317 16.96 51.50 -80.81
C CYS B 317 17.57 52.87 -80.57
N LYS B 318 18.24 53.40 -81.60
CA LYS B 318 18.86 54.71 -81.53
C LYS B 318 18.26 55.65 -82.57
N ASN B 319 18.55 56.94 -82.42
CA ASN B 319 18.11 57.97 -83.36
C ASN B 319 16.60 58.00 -83.56
N GLY B 320 15.85 57.75 -82.49
CA GLY B 320 14.41 57.85 -82.51
C GLY B 320 13.71 56.72 -83.25
N GLY B 321 14.31 55.53 -83.23
CA GLY B 321 13.72 54.38 -83.89
C GLY B 321 12.61 53.76 -83.07
N SER B 322 11.47 53.50 -83.70
CA SER B 322 10.37 52.81 -83.04
C SER B 322 10.79 51.36 -82.80
N CYS B 323 10.11 50.64 -81.92
CA CYS B 323 10.55 49.29 -81.58
C CYS B 323 9.43 48.25 -81.46
N THR B 324 9.71 47.03 -81.91
CA THR B 324 8.83 45.88 -81.71
C THR B 324 9.63 44.70 -81.18
N ASP B 325 8.96 43.76 -80.51
CA ASP B 325 9.64 42.67 -79.81
C ASP B 325 9.33 41.28 -80.39
N LEU B 326 10.34 40.41 -80.38
CA LEU B 326 10.16 39.02 -80.78
C LEU B 326 10.75 38.09 -79.72
N GLU B 327 10.45 36.80 -79.81
CA GLU B 327 10.98 35.84 -78.84
C GLU B 327 12.49 35.87 -78.79
N ASN B 328 13.03 36.30 -77.64
CA ASN B 328 14.47 36.41 -77.42
C ASN B 328 15.15 37.33 -78.42
N SER B 329 14.38 38.24 -79.01
CA SER B 329 14.93 39.18 -79.99
C SER B 329 14.06 40.43 -80.13
N TYR B 330 14.44 41.30 -81.07
CA TYR B 330 13.71 42.55 -81.27
C TYR B 330 13.97 43.10 -82.67
N SER B 331 13.09 43.99 -83.11
CA SER B 331 13.27 44.67 -84.38
C SER B 331 12.90 46.14 -84.29
N CYS B 332 13.85 47.00 -84.62
CA CYS B 332 13.63 48.44 -84.61
C CYS B 332 13.16 48.93 -85.98
N THR B 333 12.01 49.60 -86.01
CA THR B 333 11.59 50.32 -87.19
C THR B 333 12.32 51.66 -87.23
N CYS B 334 13.24 51.78 -88.18
CA CYS B 334 14.10 52.96 -88.26
C CYS B 334 13.44 54.11 -89.01
N PRO B 335 13.85 55.35 -88.69
CA PRO B 335 13.48 56.53 -89.48
C PRO B 335 13.96 56.41 -90.92
N PRO B 336 13.40 57.22 -91.83
CA PRO B 336 13.70 57.12 -93.27
C PRO B 336 15.18 57.29 -93.63
N GLY B 337 15.94 57.97 -92.78
CA GLY B 337 17.34 58.23 -93.08
C GLY B 337 18.33 57.42 -92.27
N PHE B 338 17.86 56.35 -91.65
CA PHE B 338 18.71 55.54 -90.79
C PHE B 338 18.58 54.04 -91.10
N TYR B 339 19.71 53.33 -90.99
CA TYR B 339 19.74 51.89 -91.30
C TYR B 339 20.36 51.09 -90.16
N GLY B 340 20.17 49.78 -90.20
CA GLY B 340 20.70 48.90 -89.17
C GLY B 340 19.60 48.26 -88.34
N LYS B 341 19.99 47.44 -87.38
CA LYS B 341 19.03 46.78 -86.49
C LYS B 341 18.73 47.65 -85.28
N ILE B 342 19.71 48.47 -84.91
CA ILE B 342 19.58 49.42 -83.81
C ILE B 342 19.37 50.82 -84.40
N CYS B 343 19.47 50.89 -85.72
CA CYS B 343 19.38 52.15 -86.47
C CYS B 343 20.50 53.09 -86.04
N GLU B 344 21.68 52.54 -85.81
CA GLU B 344 22.84 53.32 -85.39
C GLU B 344 23.56 53.93 -86.58
N LEU B 345 23.25 53.43 -87.77
CA LEU B 345 23.88 53.90 -88.99
C LEU B 345 22.99 54.93 -89.69
N SER B 346 23.61 55.99 -90.19
CA SER B 346 22.87 57.03 -90.91
C SER B 346 23.51 57.32 -92.26
N ALA B 347 22.69 57.34 -93.31
CA ALA B 347 23.17 57.67 -94.64
C ALA B 347 23.12 59.19 -94.85
N MET B 348 22.69 59.90 -93.82
CA MET B 348 22.56 61.36 -93.89
C MET B 348 23.37 62.04 -92.79
N THR B 349 24.30 62.90 -93.19
CA THR B 349 25.11 63.68 -92.25
C THR B 349 24.88 65.18 -92.47
N CYS B 350 25.52 66.01 -91.65
CA CYS B 350 25.37 67.46 -91.77
C CYS B 350 26.02 68.00 -93.05
N ALA B 351 26.86 67.19 -93.68
CA ALA B 351 27.48 67.57 -94.94
C ALA B 351 26.46 67.54 -96.07
N ASP B 352 25.47 66.67 -95.94
CA ASP B 352 24.42 66.56 -96.95
C ASP B 352 23.32 67.60 -96.71
N GLY B 353 23.46 68.34 -95.61
CA GLY B 353 22.51 69.37 -95.24
C GLY B 353 21.06 68.91 -95.17
N PRO B 354 20.76 68.03 -94.21
CA PRO B 354 19.41 67.46 -94.08
C PRO B 354 18.38 68.49 -93.62
N CYS B 355 18.86 69.63 -93.12
CA CYS B 355 17.98 70.68 -92.65
C CYS B 355 17.62 71.63 -93.80
N PHE B 356 16.32 71.69 -94.11
CA PHE B 356 15.83 72.50 -95.23
C PHE B 356 15.54 73.94 -94.81
N ASN B 357 15.25 74.78 -95.81
CA ASN B 357 14.82 76.16 -95.61
C ASN B 357 15.78 77.00 -94.78
N GLY B 358 17.08 76.69 -94.88
CA GLY B 358 18.10 77.47 -94.21
C GLY B 358 18.32 77.10 -92.77
N GLY B 359 17.84 75.93 -92.38
CA GLY B 359 18.00 75.44 -91.02
C GLY B 359 19.45 75.07 -90.75
N ARG B 360 19.94 75.40 -89.56
CA ARG B 360 21.32 75.11 -89.21
C ARG B 360 21.46 73.67 -88.75
N CYS B 361 22.38 72.95 -89.39
CA CYS B 361 22.61 71.54 -89.08
C CYS B 361 23.57 71.40 -87.92
N SER B 362 23.09 70.81 -86.84
CA SER B 362 23.91 70.52 -85.67
C SER B 362 24.12 69.03 -85.54
N ASP B 363 25.37 68.60 -85.62
CA ASP B 363 25.72 67.19 -85.48
C ASP B 363 25.33 66.71 -84.09
N SER B 364 24.42 65.76 -84.00
CA SER B 364 24.04 65.24 -82.70
C SER B 364 24.94 64.12 -82.23
N PRO B 365 24.62 63.58 -81.06
CA PRO B 365 25.41 62.56 -80.38
C PRO B 365 25.78 61.43 -81.31
N ASP B 366 27.05 61.33 -81.65
CA ASP B 366 27.54 60.33 -82.57
C ASP B 366 26.48 59.37 -83.10
N GLY B 367 26.33 59.38 -84.42
CA GLY B 367 25.53 58.43 -85.16
C GLY B 367 24.24 59.03 -85.70
N GLY B 368 24.07 60.33 -85.48
CA GLY B 368 22.85 61.00 -85.93
C GLY B 368 23.03 62.51 -86.08
N TYR B 369 21.93 63.18 -86.41
CA TYR B 369 21.97 64.63 -86.61
C TYR B 369 20.76 65.31 -85.98
N SER B 370 20.83 66.64 -85.88
CA SER B 370 19.73 67.43 -85.38
C SER B 370 19.67 68.75 -86.15
N CYS B 371 18.49 69.35 -86.21
CA CYS B 371 18.31 70.59 -86.95
C CYS B 371 17.77 71.71 -86.07
N ARG B 372 18.37 72.89 -86.15
CA ARG B 372 17.75 74.06 -85.56
C ARG B 372 17.10 74.86 -86.69
N CYS B 373 15.79 75.04 -86.60
CA CYS B 373 15.02 75.64 -87.68
C CYS B 373 14.94 77.16 -87.58
N PRO B 374 14.82 77.83 -88.74
CA PRO B 374 14.59 79.28 -88.81
C PRO B 374 13.30 79.69 -88.12
N VAL B 375 13.04 81.00 -88.08
CA VAL B 375 11.94 81.55 -87.30
C VAL B 375 10.56 81.13 -87.77
N GLY B 376 10.44 80.70 -89.02
CA GLY B 376 9.13 80.41 -89.59
C GLY B 376 8.87 78.98 -90.01
N TYR B 377 9.70 78.04 -89.53
CA TYR B 377 9.56 76.64 -89.92
C TYR B 377 9.63 75.72 -88.71
N SER B 378 8.73 74.74 -88.67
CA SER B 378 8.52 73.96 -87.45
C SER B 378 8.88 72.48 -87.59
N GLY B 379 9.29 72.07 -88.79
CA GLY B 379 9.61 70.67 -89.03
C GLY B 379 10.83 70.17 -88.28
N PHE B 380 11.06 68.86 -88.34
CA PHE B 380 12.26 68.26 -87.78
C PHE B 380 13.43 68.50 -88.71
N ASN B 381 13.16 68.41 -90.01
CA ASN B 381 14.09 68.82 -91.04
C ASN B 381 13.73 70.22 -91.53
N CYS B 382 12.89 70.91 -90.75
CA CYS B 382 12.44 72.26 -91.09
C CYS B 382 11.72 72.30 -92.43
N GLU B 383 10.85 71.32 -92.65
CA GLU B 383 10.20 71.17 -93.94
C GLU B 383 8.79 71.77 -93.95
N LYS B 384 8.28 72.10 -92.77
CA LYS B 384 6.92 72.61 -92.65
C LYS B 384 6.89 74.06 -92.17
N LYS B 385 6.03 74.86 -92.78
CA LYS B 385 5.80 76.22 -92.30
C LYS B 385 5.05 76.17 -90.98
N ILE B 386 5.53 76.95 -90.01
CA ILE B 386 5.05 76.85 -88.63
C ILE B 386 3.57 77.23 -88.48
N ASP B 387 2.87 76.43 -87.66
CA ASP B 387 1.48 76.72 -87.31
C ASP B 387 1.46 77.29 -85.90
N TYR B 388 1.07 78.55 -85.77
CA TYR B 388 1.14 79.26 -84.50
C TYR B 388 0.04 78.81 -83.53
N CYS B 389 -1.12 78.46 -84.08
CA CYS B 389 -2.24 77.97 -83.27
C CYS B 389 -1.87 76.71 -82.48
N SER B 390 -0.73 76.13 -82.79
CA SER B 390 -0.21 74.98 -82.05
C SER B 390 0.10 75.33 -80.60
N SER B 391 0.46 76.58 -80.34
CA SER B 391 0.81 76.98 -78.98
C SER B 391 -0.43 77.29 -78.13
N SER B 392 -1.61 77.22 -78.77
CA SER B 392 -2.88 77.54 -78.13
C SER B 392 -2.85 78.89 -77.42
N PRO B 393 -2.74 79.98 -78.20
CA PRO B 393 -2.61 81.32 -77.63
C PRO B 393 -3.90 81.85 -77.00
N CYS B 394 -5.04 81.46 -77.55
CA CYS B 394 -6.33 81.88 -77.01
C CYS B 394 -6.57 81.15 -75.68
N SER B 395 -6.76 81.93 -74.61
CA SER B 395 -6.78 81.38 -73.26
C SER B 395 -8.17 80.97 -72.77
N ASN B 396 -9.19 81.19 -73.60
CA ASN B 396 -10.55 80.78 -73.24
C ASN B 396 -11.10 79.75 -74.22
N GLY B 397 -12.42 79.59 -74.23
CA GLY B 397 -13.06 78.63 -75.10
C GLY B 397 -13.03 79.02 -76.57
N ALA B 398 -12.38 80.15 -76.85
CA ALA B 398 -12.26 80.66 -78.21
C ALA B 398 -11.48 79.72 -79.12
N LYS B 399 -11.88 79.67 -80.38
CA LYS B 399 -11.15 78.89 -81.38
C LYS B 399 -9.96 79.67 -81.92
N CYS B 400 -8.85 78.98 -82.13
CA CYS B 400 -7.70 79.58 -82.79
C CYS B 400 -7.77 79.28 -84.29
N VAL B 401 -8.12 80.29 -85.08
CA VAL B 401 -8.15 80.17 -86.53
C VAL B 401 -6.75 80.35 -87.11
N ASP B 402 -6.26 79.32 -87.78
CA ASP B 402 -4.94 79.31 -88.40
C ASP B 402 -5.00 79.89 -89.81
N LEU B 403 -4.08 80.82 -90.08
CA LEU B 403 -3.98 81.44 -91.40
C LEU B 403 -2.64 81.08 -92.05
N GLY B 404 -2.35 81.67 -93.21
CA GLY B 404 -1.19 81.29 -93.99
C GLY B 404 0.17 81.75 -93.49
N ASP B 405 0.25 82.04 -92.19
CA ASP B 405 1.44 82.49 -91.43
C ASP B 405 0.95 83.46 -90.35
N ALA B 406 -0.37 83.58 -90.24
CA ALA B 406 -0.99 84.41 -89.22
C ALA B 406 -2.00 83.58 -88.46
N TYR B 407 -2.63 84.19 -87.46
CA TYR B 407 -3.64 83.49 -86.67
C TYR B 407 -4.57 84.51 -86.02
N LEU B 408 -5.78 84.07 -85.68
CA LEU B 408 -6.68 84.94 -84.93
C LEU B 408 -7.56 84.16 -83.96
N CYS B 409 -7.88 84.79 -82.82
CA CYS B 409 -8.75 84.15 -81.85
C CYS B 409 -10.20 84.57 -82.06
N ARG B 410 -11.05 83.61 -82.39
CA ARG B 410 -12.48 83.89 -82.54
C ARG B 410 -13.24 83.35 -81.34
N CYS B 411 -13.93 84.25 -80.64
CA CYS B 411 -14.58 83.90 -79.38
C CYS B 411 -16.09 84.17 -79.43
N HIS B 419 -5.65 86.41 -77.17
CA HIS B 419 -6.12 86.23 -75.80
C HIS B 419 -7.63 86.30 -75.72
N CYS B 420 -8.20 87.31 -76.39
CA CYS B 420 -9.64 87.61 -76.36
C CYS B 420 -10.23 87.69 -74.96
N ASP B 421 -10.35 88.92 -74.45
CA ASP B 421 -11.06 89.16 -73.20
C ASP B 421 -12.56 89.20 -73.46
N ASP B 422 -13.24 88.11 -73.14
CA ASP B 422 -14.68 88.01 -73.38
C ASP B 422 -15.32 86.92 -72.53
C1 FUC C . 15.81 20.88 -70.55
C2 FUC C . 14.94 20.72 -71.79
C3 FUC C . 14.71 22.08 -72.40
C4 FUC C . 16.02 22.83 -72.57
C5 FUC C . 16.90 22.73 -71.34
C6 FUC C . 18.28 23.32 -71.60
O2 FUC C . 13.67 20.17 -71.41
O3 FUC C . 14.13 21.88 -73.69
O4 FUC C . 16.69 22.24 -73.67
O5 FUC C . 17.07 21.36 -70.99
#